data_7EW7
#
_entry.id   7EW7
#
_cell.length_a   1.00
_cell.length_b   1.00
_cell.length_c   1.00
_cell.angle_alpha   90.00
_cell.angle_beta   90.00
_cell.angle_gamma   90.00
#
_symmetry.space_group_name_H-M   'P 1'
#
loop_
_entity.id
_entity.type
_entity.pdbx_description
1 polymer 'Guanine nucleotide-binding protein G(i) subunit alpha-1'
2 polymer 'Guanine nucleotide-binding protein G(I)/G(S)/G(T) subunit beta-1'
3 polymer 'Guanine nucleotide-binding protein G(I)/G(S)/G(O) subunit gamma-2'
4 polymer 'Sphingosine 1-phosphate receptor 1'
5 polymer scFv16
6 non-polymer 5-[4-phenyl-5-(trifluoromethyl)thiophen-2-yl]-3-[3-(trifluoromethyl)phenyl]-1,2,4-oxadiazole
#
loop_
_entity_poly.entity_id
_entity_poly.type
_entity_poly.pdbx_seq_one_letter_code
_entity_poly.pdbx_strand_id
1 'polypeptide(L)'
;MGCTLSAEDKAAVERSKMIDRNLREDGEKAAREVKLLLLGAGESGKSTIVKQMKIIHEAGYSEEECKQYKAVVYSNTIQS
IIAIIRAMGRLKIDFGDSARADDARQLFVLAGAAEEGFMTAELAGVIKRLWKDSGVQACFNRSREYQLNDSAAYYLNDLD
RIAQPNYIPTQQDVLRTRVKTTGIVETHFTFKDLHFKMFDVGGQRSERKKWIHCFEGVTAIIFCVALSDYDLVLAEDEEM
NRMHESMKLFDSICNNKWFTDTSIILFLNKKDLFEEKIKKSPLTICYPEYAGSNTYEEAAAYIQCQFEDLNKRKDTKEIY
THFTCATDTKNVQFVFDAVTDVIIKNNLKDCGLF
;
A
2 'polypeptide(L)'
;MHHHHLEVLFQGPGSSGSELDQLRQEAEQLKNQIRDARKACADATLSQITNNIDPVGRIQMRTRRTLRGHLAKIYAMHWG
TDSRLLVSASQDGKLIIWDSYTTNKVHAIPLRSSWVMTCAYAPSGNYVACGGLDNICSIYNLKTREGNVRVSRELAGHTG
YLSCCRFLDDNQIVTSSGDTTCALWDIETGQQTTTFTGHTGDVMSLSLAPDTRLFVSGACDASAKLWDVREGMCRQTFTG
HESDINAICFFPNGNAFATGSDDATCRLFDLRADQELMTYSHDNIICGITSVSFSKSGRLLLAGYDDFNCNVWDALKADR
AGVLAGHDNRVSCLGVTDDGMAVATGSWDSFLKIWN
;
B
3 'polypeptide(L)' MASNNTASIAQARKLVEQLKMEANIDRIKVSKAAADLMAYCEAHAKEDPLLTPVPASENPFREKKFFCAIL C
4 'polypeptide(L)'
;MKTIIALSYIFCLVFADYKDDDDANIFEMLRIDEGLRLKIYKNTEGYYTIGIGHLLTKSPSLNAAKSELDKAIGRNTNGV
ITKDEAEKLFNQDVDAAVRGILRNAKLKPVYDSLDAVRRAALINMVFQMGETGVAGFTNSLRMLQQKRWDEAAVNLAKSR
WYNQTPNRAKRVITTFRTGTWDAYMGPTSVPLVKAHRSSVSDYVNYDIIVRHYNYTGKLNISADKENSIKLTSVVFILIC
CFIILENIFVLLTIWKTKKFHRPMYYFIGNLALSDLLAGVAYTANLLLSGATTYKLTPAQWFLREGSMFVALSASVFSLL
AIAIERYITMLKMKLHNGSNNFRLFLLISACWVISLILGGLPIMGWNCISALSSCSTVLPLYHKHYILFCTTVFTLLLLS
IVILYCRIYSLVRTRSRRLTFRKNISKASRSSEKSLALLKTVIIVLSVFIACWAPLFILLLLDVGCKVKTCDILFRAEYF
LVLAVLNSGTNPIIYTLTNKEMRRAFIRIMSCCKCPSGDSAHHHHHHHHHH
;
D
5 'polypeptide(L)'
;DVQLVESGGGLVQPGGSRKLSCSASGFAFSSFGMHWVRQAPEKGLEWVAYISSGSGTIYYADTVKGRFTISRDDPKNTLF
LQMTSLRSEDTAMYYCVRSIYYYGSSPFDFWGQGTTLTVSSGGGGSGGGGSGGGGSDIVMTQATSSVPVTPGESVSISCR
SSKSLLHSNGNTYLYWFLQRPGQSPQLLIYRMSNLASGVPDRFSGSGSGTAFTLTISRLEAEDVGVYYCMQHLEYPLTFG
AGTKLELKAAAENLYFQGHHHHHHHH
;
E
#
loop_
_chem_comp.id
_chem_comp.type
_chem_comp.name
_chem_comp.formula
JEX non-polymer 5-[4-phenyl-5-(trifluoromethyl)thiophen-2-yl]-3-[3-(trifluoromethyl)phenyl]-1,2,4-oxadiazole 'C20 H10 F6 N2 O S'
#
# COMPACT_ATOMS: atom_id res chain seq x y z
N CYS A 3 -21.02 -14.92 -14.17
CA CYS A 3 -20.79 -15.60 -15.44
C CYS A 3 -20.21 -17.00 -15.22
N THR A 4 -18.88 -17.09 -15.29
CA THR A 4 -18.22 -18.38 -15.09
C THR A 4 -18.20 -18.79 -13.61
N LEU A 5 -18.28 -17.83 -12.70
CA LEU A 5 -18.22 -18.12 -11.27
C LEU A 5 -19.41 -18.96 -10.85
N SER A 6 -19.18 -19.79 -9.83
CA SER A 6 -20.21 -20.70 -9.32
C SER A 6 -21.15 -19.94 -8.39
N ALA A 7 -21.99 -20.67 -7.66
CA ALA A 7 -22.97 -20.05 -6.79
C ALA A 7 -22.31 -19.30 -5.64
N GLU A 8 -21.55 -20.01 -4.82
CA GLU A 8 -20.91 -19.39 -3.66
C GLU A 8 -19.60 -18.70 -3.99
N ASP A 9 -19.15 -18.77 -5.26
CA ASP A 9 -17.97 -18.00 -5.65
C ASP A 9 -18.30 -16.54 -5.90
N LYS A 10 -19.57 -16.24 -6.22
CA LYS A 10 -19.99 -14.85 -6.36
C LYS A 10 -20.21 -14.20 -5.00
N ALA A 11 -20.45 -14.99 -3.95
CA ALA A 11 -20.60 -14.43 -2.62
C ALA A 11 -19.25 -14.10 -2.00
N ALA A 12 -18.19 -14.80 -2.41
CA ALA A 12 -16.85 -14.49 -1.90
C ALA A 12 -16.31 -13.21 -2.49
N VAL A 13 -16.77 -12.84 -3.71
CA VAL A 13 -16.30 -11.60 -4.32
C VAL A 13 -16.95 -10.40 -3.64
N GLU A 14 -18.20 -10.52 -3.23
CA GLU A 14 -18.87 -9.43 -2.52
C GLU A 14 -18.21 -9.14 -1.18
N ARG A 15 -17.61 -10.16 -0.56
CA ARG A 15 -16.91 -9.93 0.70
C ARG A 15 -15.65 -9.12 0.49
N SER A 16 -14.90 -9.40 -0.58
CA SER A 16 -13.69 -8.64 -0.87
C SER A 16 -14.01 -7.18 -1.15
N LYS A 17 -15.16 -6.92 -1.79
CA LYS A 17 -15.57 -5.54 -2.03
C LYS A 17 -15.82 -4.79 -0.73
N MET A 18 -16.49 -5.43 0.23
CA MET A 18 -16.74 -4.79 1.51
C MET A 18 -15.44 -4.61 2.29
N ILE A 19 -14.51 -5.56 2.19
CA ILE A 19 -13.22 -5.42 2.86
C ILE A 19 -12.47 -4.23 2.28
N ASP A 20 -12.46 -4.10 0.95
CA ASP A 20 -11.77 -2.98 0.33
C ASP A 20 -12.44 -1.65 0.67
N ARG A 21 -13.77 -1.65 0.77
CA ARG A 21 -14.48 -0.43 1.16
C ARG A 21 -14.13 -0.02 2.58
N ASN A 22 -14.08 -0.98 3.51
CA ASN A 22 -13.70 -0.67 4.87
C ASN A 22 -12.25 -0.21 4.97
N LEU A 23 -11.38 -0.74 4.11
CA LEU A 23 -9.99 -0.29 4.09
C LEU A 23 -9.89 1.13 3.57
N ARG A 24 -10.61 1.45 2.49
CA ARG A 24 -10.53 2.78 1.91
C ARG A 24 -11.21 3.82 2.80
N GLU A 25 -12.21 3.41 3.58
CA GLU A 25 -12.86 4.36 4.48
C GLU A 25 -11.94 4.78 5.61
N ASP A 26 -11.14 3.85 6.13
CA ASP A 26 -10.20 4.18 7.20
C ASP A 26 -8.92 4.81 6.68
N GLY A 27 -8.65 4.71 5.37
CA GLY A 27 -7.45 5.32 4.83
C GLY A 27 -7.55 6.81 4.69
N GLU A 28 -8.77 7.34 4.56
CA GLU A 28 -8.98 8.78 4.46
C GLU A 28 -9.24 9.44 5.80
N LYS A 29 -9.40 8.65 6.86
CA LYS A 29 -9.58 9.21 8.21
C LYS A 29 -8.25 9.40 8.92
N ALA A 30 -7.35 8.42 8.82
CA ALA A 30 -6.04 8.51 9.45
C ALA A 30 -5.03 9.29 8.61
N ALA A 31 -5.47 9.95 7.54
CA ALA A 31 -4.59 10.74 6.70
C ALA A 31 -4.86 12.24 6.82
N ARG A 32 -5.82 12.64 7.66
CA ARG A 32 -6.14 14.05 7.85
C ARG A 32 -5.68 14.57 9.21
N GLU A 33 -4.80 13.83 9.89
CA GLU A 33 -4.27 14.24 11.18
C GLU A 33 -2.76 14.43 11.08
N VAL A 34 -2.26 15.38 11.85
CA VAL A 34 -0.83 15.73 11.81
C VAL A 34 -0.05 14.74 12.66
N LYS A 35 1.02 14.20 12.10
CA LYS A 35 1.91 13.30 12.81
C LYS A 35 3.28 13.94 12.92
N LEU A 36 3.81 14.02 14.14
CA LEU A 36 5.07 14.70 14.38
C LEU A 36 5.88 13.93 15.41
N LEU A 37 7.18 13.79 15.13
CA LEU A 37 8.11 13.05 15.98
C LEU A 37 8.63 13.94 17.10
N LEU A 38 9.13 13.29 18.15
CA LEU A 38 9.73 13.97 19.29
C LEU A 38 11.10 13.37 19.58
N LEU A 39 12.08 14.23 19.86
CA LEU A 39 13.43 13.81 20.15
C LEU A 39 13.98 14.65 21.29
N GLY A 40 15.22 14.37 21.67
CA GLY A 40 15.87 15.10 22.73
C GLY A 40 16.78 14.19 23.54
N ALA A 41 17.51 14.80 24.46
CA ALA A 41 18.42 14.06 25.33
C ALA A 41 17.66 13.49 26.51
N GLY A 42 18.39 12.86 27.42
CA GLY A 42 17.76 12.27 28.60
C GLY A 42 17.21 13.29 29.56
N GLU A 43 18.04 14.27 29.93
CA GLU A 43 17.64 15.35 30.84
C GLU A 43 17.41 16.64 30.06
N SER A 44 16.84 16.52 28.85
CA SER A 44 16.49 17.67 28.04
C SER A 44 15.10 18.18 28.34
N GLY A 45 14.40 17.59 29.29
CA GLY A 45 13.07 18.05 29.64
C GLY A 45 11.98 17.63 28.70
N LYS A 46 12.10 16.47 28.06
CA LYS A 46 11.03 15.97 27.20
C LYS A 46 9.78 15.66 28.02
N SER A 47 9.96 15.10 29.22
CA SER A 47 8.83 14.79 30.09
C SER A 47 8.07 16.06 30.45
N THR A 48 8.79 17.14 30.77
CA THR A 48 8.13 18.40 31.08
C THR A 48 7.34 18.92 29.88
N ILE A 49 7.91 18.79 28.68
CA ILE A 49 7.24 19.28 27.48
C ILE A 49 5.95 18.50 27.24
N VAL A 50 6.01 17.16 27.39
CA VAL A 50 4.82 16.37 27.09
C VAL A 50 3.80 16.48 28.22
N LYS A 51 4.23 16.83 29.44
CA LYS A 51 3.27 16.93 30.52
C LYS A 51 2.63 18.31 30.62
N GLN A 52 3.31 19.36 30.14
CA GLN A 52 2.73 20.69 30.22
C GLN A 52 1.63 20.89 29.18
N MET A 53 1.83 20.36 27.98
CA MET A 53 0.84 20.53 26.93
C MET A 53 -0.42 19.73 27.21
N LYS A 54 -1.44 19.96 26.39
CA LYS A 54 -2.72 19.28 26.57
C LYS A 54 -2.56 17.79 26.32
N ILE A 55 -3.10 16.98 27.22
CA ILE A 55 -3.04 15.52 27.14
C ILE A 55 -4.46 14.99 27.09
N ILE A 56 -4.80 14.30 25.99
CA ILE A 56 -6.10 13.69 25.83
C ILE A 56 -6.02 12.16 25.89
N HIS A 57 -4.92 11.56 25.47
CA HIS A 57 -4.76 10.11 25.49
C HIS A 57 -4.68 9.59 26.92
N THR A 182 7.81 0.80 28.10
CA THR A 182 8.85 0.47 27.15
C THR A 182 8.37 0.63 25.72
N GLY A 183 9.31 0.73 24.79
CA GLY A 183 8.95 0.88 23.39
C GLY A 183 8.47 2.28 23.07
N ILE A 184 7.87 2.40 21.88
CA ILE A 184 7.35 3.69 21.43
C ILE A 184 6.10 4.04 22.22
N VAL A 185 5.90 5.35 22.43
CA VAL A 185 4.75 5.86 23.16
C VAL A 185 4.08 6.93 22.31
N GLU A 186 2.77 6.81 22.10
CA GLU A 186 2.01 7.75 21.30
C GLU A 186 1.12 8.58 22.21
N THR A 187 1.05 9.88 21.92
CA THR A 187 0.20 10.82 22.65
C THR A 187 -0.69 11.55 21.66
N HIS A 188 -2.00 11.54 21.92
CA HIS A 188 -2.97 12.16 21.05
C HIS A 188 -3.59 13.36 21.75
N PHE A 189 -3.60 14.51 21.07
CA PHE A 189 -4.26 15.70 21.59
C PHE A 189 -4.77 16.52 20.42
N THR A 190 -5.87 17.24 20.67
CA THR A 190 -6.52 18.04 19.65
C THR A 190 -6.50 19.51 20.04
N PHE A 191 -6.43 20.37 19.04
CA PHE A 191 -6.37 21.82 19.27
C PHE A 191 -6.75 22.53 17.99
N LYS A 192 -7.80 23.36 18.06
CA LYS A 192 -8.27 24.16 16.92
C LYS A 192 -8.59 23.28 15.72
N ASP A 193 -9.35 22.22 15.97
CA ASP A 193 -9.80 21.30 14.92
C ASP A 193 -8.62 20.67 14.17
N LEU A 194 -7.66 20.17 14.93
CA LEU A 194 -6.51 19.46 14.37
C LEU A 194 -6.06 18.38 15.34
N HIS A 195 -5.86 17.17 14.83
CA HIS A 195 -5.46 16.03 15.64
C HIS A 195 -3.96 15.80 15.47
N PHE A 196 -3.22 15.94 16.56
CA PHE A 196 -1.77 15.75 16.56
C PHE A 196 -1.43 14.40 17.18
N LYS A 197 -0.49 13.70 16.56
CA LYS A 197 0.05 12.46 17.10
C LYS A 197 1.54 12.65 17.35
N MET A 198 1.96 12.48 18.60
CA MET A 198 3.34 12.74 19.01
C MET A 198 3.97 11.43 19.48
N PHE A 199 4.87 10.88 18.68
CA PHE A 199 5.55 9.64 19.01
C PHE A 199 6.81 9.96 19.80
N ASP A 200 6.90 9.43 21.02
CA ASP A 200 8.03 9.66 21.91
C ASP A 200 8.91 8.42 21.89
N VAL A 201 9.92 8.41 21.01
CA VAL A 201 10.84 7.28 20.87
C VAL A 201 11.96 7.51 21.87
N GLY A 202 11.74 7.06 23.10
CA GLY A 202 12.73 7.23 24.16
C GLY A 202 13.19 5.93 24.76
N GLY A 203 12.37 4.89 24.66
CA GLY A 203 12.71 3.59 25.20
C GLY A 203 13.41 2.64 24.26
N GLN A 204 13.74 3.09 23.06
CA GLN A 204 14.43 2.26 22.07
C GLN A 204 15.93 2.39 22.29
N ARG A 205 16.53 1.36 22.87
CA ARG A 205 17.97 1.33 23.12
C ARG A 205 18.77 0.73 21.98
N SER A 206 18.11 0.27 20.91
CA SER A 206 18.79 -0.31 19.78
C SER A 206 19.44 0.79 18.93
N GLU A 207 20.08 0.37 17.84
CA GLU A 207 20.74 1.31 16.95
C GLU A 207 19.71 2.16 16.21
N ARG A 208 19.91 3.48 16.23
CA ARG A 208 18.98 4.40 15.60
C ARG A 208 19.01 4.34 14.07
N LYS A 209 19.97 3.62 13.49
CA LYS A 209 20.08 3.58 12.04
C LYS A 209 19.04 2.67 11.41
N LYS A 210 18.66 1.60 12.09
CA LYS A 210 17.83 0.57 11.47
C LYS A 210 16.36 0.96 11.45
N TRP A 211 15.83 1.46 12.56
CA TRP A 211 14.40 1.75 12.68
C TRP A 211 14.06 3.21 12.41
N ILE A 212 14.91 3.92 11.66
CA ILE A 212 14.66 5.33 11.39
C ILE A 212 13.97 5.56 10.04
N HIS A 213 14.05 4.60 9.11
CA HIS A 213 13.46 4.81 7.79
C HIS A 213 11.93 4.66 7.79
N CYS A 214 11.34 4.19 8.88
CA CYS A 214 9.88 4.13 8.97
C CYS A 214 9.25 5.45 9.36
N PHE A 215 10.05 6.42 9.82
CA PHE A 215 9.58 7.75 10.14
C PHE A 215 9.83 8.75 9.01
N GLU A 216 9.92 8.25 7.76
CA GLU A 216 10.20 9.13 6.64
C GLU A 216 9.06 10.10 6.37
N GLY A 217 7.83 9.60 6.43
CA GLY A 217 6.67 10.47 6.25
C GLY A 217 6.20 11.08 7.54
N VAL A 218 6.60 12.33 7.80
CA VAL A 218 6.27 13.02 9.04
C VAL A 218 6.16 14.50 8.73
N THR A 219 5.33 15.20 9.51
CA THR A 219 5.08 16.62 9.24
C THR A 219 6.19 17.49 9.82
N ALA A 220 6.50 17.32 11.10
CA ALA A 220 7.52 18.12 11.77
C ALA A 220 8.32 17.22 12.70
N ILE A 221 9.39 17.79 13.27
CA ILE A 221 10.25 17.06 14.20
C ILE A 221 10.55 17.96 15.39
N ILE A 222 9.85 17.73 16.51
CA ILE A 222 10.12 18.51 17.71
C ILE A 222 11.51 18.18 18.24
N PHE A 223 12.16 19.16 18.85
CA PHE A 223 13.48 18.98 19.43
C PHE A 223 13.55 19.76 20.74
N CYS A 224 14.07 19.12 21.78
CA CYS A 224 14.14 19.71 23.11
C CYS A 224 15.57 19.67 23.60
N VAL A 225 16.11 20.84 23.97
CA VAL A 225 17.43 20.95 24.56
C VAL A 225 17.32 21.72 25.86
N ALA A 226 18.42 21.75 26.62
CA ALA A 226 18.48 22.44 27.89
C ALA A 226 19.60 23.47 27.86
N LEU A 227 19.26 24.71 28.19
CA LEU A 227 20.26 25.77 28.22
C LEU A 227 21.19 25.63 29.41
N SER A 228 20.64 25.29 30.58
CA SER A 228 21.45 25.15 31.78
C SER A 228 22.34 23.92 31.76
N ASP A 229 22.13 22.99 30.82
CA ASP A 229 22.94 21.79 30.73
C ASP A 229 24.21 22.06 29.94
N TYR A 230 24.95 23.10 30.32
CA TYR A 230 26.21 23.44 29.68
C TYR A 230 27.38 23.52 30.65
N ASP A 231 27.16 23.33 31.94
CA ASP A 231 28.23 23.32 32.93
C ASP A 231 28.30 21.98 33.68
N LEU A 232 27.41 21.04 33.37
CA LEU A 232 27.38 19.73 34.01
C LEU A 232 27.99 18.72 33.06
N VAL A 233 29.13 18.14 33.45
CA VAL A 233 29.77 17.11 32.64
C VAL A 233 29.00 15.80 32.78
N LEU A 234 28.95 15.04 31.69
CA LEU A 234 28.23 13.77 31.63
C LEU A 234 28.64 12.81 32.74
N ALA A 235 27.75 11.86 33.06
CA ALA A 235 28.09 10.83 34.02
C ALA A 235 29.06 9.82 33.42
N GLU A 236 29.78 9.12 34.30
CA GLU A 236 30.87 8.21 33.95
C GLU A 236 31.75 8.76 32.82
N ASP A 237 32.02 10.06 32.86
CA ASP A 237 32.80 10.71 31.82
C ASP A 237 33.26 12.05 32.38
N GLU A 238 34.53 12.39 32.14
CA GLU A 238 35.14 13.57 32.73
C GLU A 238 35.65 14.57 31.70
N GLU A 239 35.42 14.35 30.40
CA GLU A 239 36.03 15.19 29.38
C GLU A 239 35.04 15.93 28.48
N MET A 240 33.88 15.36 28.18
CA MET A 240 32.93 15.98 27.27
C MET A 240 31.68 16.43 28.02
N ASN A 241 31.01 17.44 27.47
CA ASN A 241 29.85 18.06 28.09
C ASN A 241 28.56 17.60 27.41
N ARG A 242 27.44 18.03 27.98
CA ARG A 242 26.13 17.64 27.45
C ARG A 242 25.71 18.51 26.28
N MET A 243 26.07 19.80 26.29
CA MET A 243 25.70 20.68 25.19
C MET A 243 26.34 20.22 23.88
N HIS A 244 27.58 19.74 23.94
CA HIS A 244 28.23 19.24 22.74
C HIS A 244 27.52 17.99 22.21
N GLU A 245 27.07 17.12 23.11
CA GLU A 245 26.32 15.94 22.68
C GLU A 245 24.99 16.34 22.04
N SER A 246 24.32 17.34 22.62
CA SER A 246 23.07 17.81 22.02
C SER A 246 23.31 18.40 20.64
N MET A 247 24.38 19.18 20.48
CA MET A 247 24.70 19.75 19.17
C MET A 247 25.02 18.65 18.16
N LYS A 248 25.77 17.64 18.58
CA LYS A 248 26.11 16.54 17.68
C LYS A 248 24.87 15.77 17.25
N LEU A 249 23.96 15.50 18.19
CA LEU A 249 22.74 14.78 17.84
C LEU A 249 21.85 15.61 16.92
N PHE A 250 21.78 16.92 17.16
CA PHE A 250 21.00 17.77 16.28
C PHE A 250 21.60 17.82 14.87
N ASP A 251 22.93 17.85 14.79
CA ASP A 251 23.58 17.84 13.47
C ASP A 251 23.35 16.52 12.76
N SER A 252 23.33 15.41 13.51
CA SER A 252 23.08 14.12 12.89
C SER A 252 21.63 13.98 12.44
N ILE A 253 20.69 14.59 13.16
CA ILE A 253 19.28 14.51 12.77
C ILE A 253 19.00 15.42 11.58
N CYS A 254 19.55 16.63 11.57
CA CYS A 254 19.21 17.59 10.52
C CYS A 254 19.79 17.18 9.17
N ASN A 255 21.00 16.62 9.16
CA ASN A 255 21.70 16.28 7.93
C ASN A 255 21.51 14.82 7.53
N ASN A 256 20.42 14.18 7.95
CA ASN A 256 20.16 12.81 7.55
C ASN A 256 19.55 12.77 6.15
N LYS A 257 19.74 11.63 5.48
CA LYS A 257 19.27 11.49 4.11
C LYS A 257 17.76 11.25 4.00
N TRP A 258 17.09 10.97 5.11
CA TRP A 258 15.64 10.81 5.09
C TRP A 258 14.91 12.11 5.41
N PHE A 259 15.43 12.88 6.36
CA PHE A 259 14.80 14.13 6.78
C PHE A 259 15.43 15.32 6.04
N THR A 260 15.34 15.26 4.71
CA THR A 260 15.83 16.32 3.85
C THR A 260 14.73 17.29 3.41
N ASP A 261 13.50 17.10 3.88
CA ASP A 261 12.40 17.97 3.52
C ASP A 261 11.56 18.41 4.71
N THR A 262 11.56 17.67 5.82
CA THR A 262 10.73 17.99 6.97
C THR A 262 11.40 19.05 7.83
N SER A 263 10.66 20.09 8.16
CA SER A 263 11.19 21.15 9.02
C SER A 263 11.42 20.61 10.43
N ILE A 264 12.16 21.39 11.22
CA ILE A 264 12.52 21.00 12.57
C ILE A 264 12.15 22.13 13.52
N ILE A 265 11.30 21.83 14.50
CA ILE A 265 10.95 22.77 15.56
C ILE A 265 11.92 22.54 16.71
N LEU A 266 12.59 23.60 17.14
CA LEU A 266 13.62 23.52 18.16
C LEU A 266 13.18 24.30 19.39
N PHE A 267 13.24 23.66 20.55
CA PHE A 267 12.76 24.22 21.81
C PHE A 267 13.92 24.49 22.76
N LEU A 268 13.84 25.61 23.47
CA LEU A 268 14.77 25.94 24.56
C LEU A 268 13.99 25.83 25.86
N ASN A 269 14.21 24.76 26.61
CA ASN A 269 13.33 24.43 27.73
C ASN A 269 13.59 25.33 28.93
N LYS A 270 14.79 25.26 29.49
CA LYS A 270 15.11 25.96 30.73
C LYS A 270 15.77 27.30 30.42
N LYS A 271 15.23 28.36 30.97
CA LYS A 271 15.81 29.70 30.81
C LYS A 271 16.08 30.40 32.13
N ASP A 272 15.20 30.24 33.13
CA ASP A 272 15.43 30.89 34.42
C ASP A 272 16.63 30.28 35.14
N LEU A 273 16.70 28.94 35.18
CA LEU A 273 17.86 28.29 35.77
C LEU A 273 19.11 28.60 34.97
N PHE A 274 18.99 28.74 33.66
CA PHE A 274 20.15 29.11 32.83
C PHE A 274 20.64 30.50 33.20
N GLU A 275 19.74 31.45 33.42
CA GLU A 275 20.13 32.78 33.86
C GLU A 275 20.81 32.72 35.23
N GLU A 276 20.23 31.97 36.16
CA GLU A 276 20.81 31.88 37.49
C GLU A 276 22.19 31.22 37.46
N LYS A 277 22.41 30.33 36.51
CA LYS A 277 23.72 29.67 36.40
C LYS A 277 24.74 30.58 35.72
N ILE A 278 24.33 31.30 34.67
CA ILE A 278 25.24 32.18 33.96
C ILE A 278 25.57 33.42 34.78
N LYS A 279 24.73 33.78 35.75
CA LYS A 279 25.05 34.91 36.62
C LYS A 279 26.24 34.59 37.51
N LYS A 280 26.43 33.32 37.87
CA LYS A 280 27.53 32.91 38.72
C LYS A 280 28.72 32.38 37.92
N SER A 281 28.47 31.54 36.92
CA SER A 281 29.53 30.94 36.13
C SER A 281 29.51 31.50 34.72
N PRO A 282 30.66 31.92 34.18
CA PRO A 282 30.69 32.47 32.83
C PRO A 282 30.41 31.39 31.78
N LEU A 283 30.10 31.86 30.57
CA LEU A 283 29.83 30.97 29.45
C LEU A 283 31.08 30.46 28.77
N THR A 284 32.24 31.07 29.07
CA THR A 284 33.49 30.68 28.42
C THR A 284 33.92 29.26 28.74
N ILE A 285 33.39 28.65 29.80
CA ILE A 285 33.78 27.29 30.15
C ILE A 285 33.24 26.30 29.15
N CYS A 286 32.02 26.53 28.64
CA CYS A 286 31.45 25.64 27.64
C CYS A 286 31.90 26.03 26.23
N TYR A 287 31.63 27.26 25.82
CA TYR A 287 32.06 27.75 24.52
C TYR A 287 33.38 28.50 24.68
N PRO A 288 34.48 28.02 24.07
CA PRO A 288 35.77 28.69 24.27
C PRO A 288 35.89 30.03 23.55
N GLU A 289 35.04 30.30 22.57
CA GLU A 289 35.08 31.55 21.81
C GLU A 289 33.80 32.33 22.10
N TYR A 290 33.94 33.39 22.91
CA TYR A 290 32.81 34.25 23.24
C TYR A 290 33.34 35.61 23.66
N ALA A 291 32.80 36.67 23.07
CA ALA A 291 33.23 38.03 23.35
C ALA A 291 32.18 38.89 24.03
N GLY A 292 30.91 38.51 23.97
CA GLY A 292 29.86 39.29 24.58
C GLY A 292 29.94 39.28 26.10
N SER A 293 29.13 40.16 26.69
CA SER A 293 29.07 40.27 28.15
C SER A 293 28.28 39.11 28.74
N ASN A 294 28.24 39.08 30.08
CA ASN A 294 27.55 38.01 30.80
C ASN A 294 26.11 38.43 31.09
N THR A 295 25.33 38.50 30.02
CA THR A 295 23.91 38.81 30.10
C THR A 295 23.12 37.83 29.26
N TYR A 296 21.88 37.57 29.69
CA TYR A 296 21.06 36.56 29.05
C TYR A 296 20.56 37.00 27.68
N GLU A 297 20.26 38.29 27.52
CA GLU A 297 19.63 38.77 26.30
C GLU A 297 20.46 38.45 25.06
N GLU A 298 21.77 38.51 25.17
CA GLU A 298 22.65 38.16 24.05
C GLU A 298 23.16 36.74 24.13
N ALA A 299 23.23 36.14 25.32
CA ALA A 299 23.67 34.75 25.43
C ALA A 299 22.68 33.80 24.78
N ALA A 300 21.38 34.03 24.99
CA ALA A 300 20.37 33.21 24.35
C ALA A 300 20.44 33.34 22.83
N ALA A 301 20.65 34.56 22.33
CA ALA A 301 20.76 34.76 20.90
C ALA A 301 22.01 34.08 20.34
N TYR A 302 23.10 34.10 21.10
CA TYR A 302 24.32 33.41 20.65
C TYR A 302 24.11 31.91 20.59
N ILE A 303 23.46 31.34 21.62
CA ILE A 303 23.18 29.91 21.61
C ILE A 303 22.28 29.55 20.42
N GLN A 304 21.26 30.38 20.17
CA GLN A 304 20.37 30.12 19.04
C GLN A 304 21.13 30.17 17.72
N CYS A 305 21.98 31.19 17.54
CA CYS A 305 22.74 31.31 16.30
C CYS A 305 23.71 30.16 16.12
N GLN A 306 24.28 29.64 17.22
CA GLN A 306 25.13 28.48 17.13
C GLN A 306 24.34 27.22 16.78
N PHE A 307 23.08 27.15 17.22
CA PHE A 307 22.26 25.99 16.90
C PHE A 307 21.72 26.04 15.46
N GLU A 308 21.49 27.24 14.91
CA GLU A 308 21.00 27.32 13.54
C GLU A 308 22.09 27.03 12.51
N ASP A 309 23.35 27.21 12.88
CA ASP A 309 24.44 27.03 11.93
C ASP A 309 24.66 25.56 11.56
N LEU A 310 24.17 24.63 12.38
CA LEU A 310 24.31 23.21 12.07
C LEU A 310 23.20 22.74 11.15
N ASN A 311 23.03 23.42 10.00
CA ASN A 311 21.96 23.14 9.06
C ASN A 311 22.52 23.28 7.65
N LYS A 312 22.95 22.16 7.07
CA LYS A 312 23.50 22.18 5.72
C LYS A 312 22.41 22.42 4.68
N ARG A 313 21.26 21.78 4.86
CA ARG A 313 20.12 21.96 3.94
C ARG A 313 19.41 23.25 4.33
N LYS A 314 19.89 24.36 3.79
CA LYS A 314 19.34 25.67 4.13
C LYS A 314 18.25 26.13 3.17
N ASP A 315 18.10 25.49 2.02
CA ASP A 315 17.11 25.88 1.03
C ASP A 315 15.96 24.90 0.89
N THR A 316 15.90 23.86 1.74
CA THR A 316 14.83 22.88 1.69
C THR A 316 14.06 22.75 3.00
N LYS A 317 14.59 23.24 4.12
CA LYS A 317 13.92 23.13 5.40
C LYS A 317 14.24 24.36 6.25
N GLU A 318 13.34 24.65 7.18
CA GLU A 318 13.49 25.79 8.08
C GLU A 318 13.46 25.30 9.52
N ILE A 319 14.12 26.03 10.40
CA ILE A 319 14.22 25.70 11.81
C ILE A 319 13.55 26.80 12.61
N TYR A 320 12.55 26.43 13.40
CA TYR A 320 11.82 27.37 14.24
C TYR A 320 12.33 27.27 15.67
N THR A 321 12.85 28.39 16.19
CA THR A 321 13.39 28.45 17.53
C THR A 321 12.38 29.08 18.48
N HIS A 322 12.21 28.48 19.65
CA HIS A 322 11.27 28.96 20.65
C HIS A 322 11.87 28.76 22.04
N PHE A 323 11.46 29.61 22.97
CA PHE A 323 11.87 29.53 24.36
C PHE A 323 10.68 29.10 25.19
N THR A 324 10.78 27.93 25.83
CA THR A 324 9.67 27.38 26.59
C THR A 324 9.36 28.24 27.80
N CYS A 325 8.11 28.68 27.92
CA CYS A 325 7.64 29.50 29.03
C CYS A 325 6.77 28.64 29.95
N ALA A 326 6.31 29.26 31.04
CA ALA A 326 5.47 28.56 32.00
C ALA A 326 4.05 28.36 31.49
N THR A 327 3.64 29.11 30.48
CA THR A 327 2.29 29.00 29.92
C THR A 327 2.31 27.95 28.82
N ASP A 328 1.61 26.83 29.05
CA ASP A 328 1.55 25.78 28.05
C ASP A 328 0.75 26.19 26.82
N THR A 329 -0.19 27.13 26.98
CA THR A 329 -0.93 27.62 25.83
C THR A 329 -0.01 28.25 24.79
N LYS A 330 1.05 28.90 25.25
CA LYS A 330 2.02 29.48 24.31
C LYS A 330 2.73 28.40 23.51
N ASN A 331 3.14 27.31 24.16
CA ASN A 331 3.79 26.22 23.44
C ASN A 331 2.84 25.57 22.45
N VAL A 332 1.59 25.33 22.87
CA VAL A 332 0.62 24.73 21.96
C VAL A 332 0.36 25.63 20.77
N GLN A 333 0.25 26.95 21.01
CA GLN A 333 0.04 27.88 19.92
C GLN A 333 1.23 27.92 18.98
N PHE A 334 2.44 27.84 19.51
CA PHE A 334 3.63 27.83 18.66
C PHE A 334 3.67 26.58 17.79
N VAL A 335 3.34 25.41 18.37
CA VAL A 335 3.32 24.18 17.58
C VAL A 335 2.26 24.27 16.50
N PHE A 336 1.07 24.79 16.85
CA PHE A 336 0.00 24.92 15.86
C PHE A 336 0.39 25.86 14.72
N ASP A 337 1.05 26.98 15.06
CA ASP A 337 1.45 27.92 14.02
C ASP A 337 2.53 27.33 13.12
N ALA A 338 3.49 26.62 13.69
CA ALA A 338 4.51 25.97 12.87
C ALA A 338 3.89 24.93 11.94
N VAL A 339 2.93 24.14 12.46
CA VAL A 339 2.29 23.14 11.62
C VAL A 339 1.48 23.80 10.51
N THR A 340 0.81 24.92 10.81
CA THR A 340 0.07 25.64 9.78
C THR A 340 1.00 26.19 8.71
N ASP A 341 2.16 26.71 9.10
CA ASP A 341 3.14 27.19 8.13
C ASP A 341 3.63 26.05 7.25
N VAL A 342 3.91 24.89 7.85
CA VAL A 342 4.36 23.75 7.06
C VAL A 342 3.29 23.32 6.08
N ILE A 343 2.02 23.32 6.51
CA ILE A 343 0.92 22.92 5.63
C ILE A 343 0.79 23.90 4.47
N ILE A 344 0.92 25.20 4.74
CA ILE A 344 0.83 26.20 3.68
C ILE A 344 1.96 26.02 2.67
N LYS A 345 3.18 25.78 3.17
CA LYS A 345 4.31 25.57 2.27
C LYS A 345 4.13 24.32 1.43
N ASN A 346 3.61 23.25 2.03
CA ASN A 346 3.39 22.02 1.28
C ASN A 346 2.30 22.20 0.23
N ASN A 347 1.26 22.97 0.54
CA ASN A 347 0.21 23.23 -0.43
C ASN A 347 0.72 24.09 -1.58
N LEU A 348 1.60 25.05 -1.28
CA LEU A 348 2.19 25.85 -2.35
C LEU A 348 3.11 25.01 -3.23
N LYS A 349 3.84 24.06 -2.63
CA LYS A 349 4.70 23.19 -3.42
C LYS A 349 3.91 22.12 -4.15
N ASP A 350 2.66 21.86 -3.76
CA ASP A 350 1.88 20.79 -4.37
C ASP A 350 1.55 21.13 -5.83
N CYS A 351 0.93 22.29 -6.05
CA CYS A 351 0.51 22.70 -7.39
C CYS A 351 1.64 23.39 -8.16
N GLY A 352 2.88 23.27 -7.71
CA GLY A 352 4.00 23.88 -8.41
C GLY A 352 3.90 25.38 -8.56
N LEU A 353 3.25 26.06 -7.62
CA LEU A 353 3.04 27.49 -7.71
C LEU A 353 4.30 28.30 -7.41
N PHE A 354 5.26 27.71 -6.72
CA PHE A 354 6.54 28.37 -6.48
C PHE A 354 7.67 27.35 -6.38
N GLY B 17 44.83 -8.15 37.03
CA GLY B 17 44.81 -7.60 35.68
C GLY B 17 45.55 -8.50 34.70
N SER B 18 46.46 -9.32 35.24
CA SER B 18 47.22 -10.24 34.40
C SER B 18 46.38 -11.43 33.95
N GLU B 19 45.42 -11.86 34.78
CA GLU B 19 44.58 -12.99 34.39
C GLU B 19 43.73 -12.64 33.17
N LEU B 20 43.32 -11.38 33.04
CA LEU B 20 42.59 -10.96 31.85
C LEU B 20 43.49 -11.04 30.61
N ASP B 21 44.76 -10.66 30.77
CA ASP B 21 45.70 -10.78 29.66
C ASP B 21 45.89 -12.23 29.25
N GLN B 22 46.00 -13.13 30.24
CA GLN B 22 46.12 -14.55 29.93
C GLN B 22 44.87 -15.06 29.22
N LEU B 23 43.69 -14.65 29.66
CA LEU B 23 42.46 -15.08 29.00
C LEU B 23 42.38 -14.58 27.57
N ARG B 24 42.78 -13.32 27.34
CA ARG B 24 42.80 -12.80 25.97
C ARG B 24 43.80 -13.58 25.12
N GLN B 25 44.95 -13.94 25.68
CA GLN B 25 45.93 -14.71 24.92
C GLN B 25 45.38 -16.09 24.54
N GLU B 26 44.73 -16.76 25.49
CA GLU B 26 44.15 -18.07 25.18
C GLU B 26 43.05 -17.95 24.13
N ALA B 27 42.20 -16.92 24.24
CA ALA B 27 41.17 -16.72 23.22
C ALA B 27 41.77 -16.46 21.84
N GLU B 28 42.84 -15.66 21.80
CA GLU B 28 43.48 -15.35 20.53
C GLU B 28 44.09 -16.60 19.91
N GLN B 29 44.76 -17.43 20.71
CA GLN B 29 45.36 -18.64 20.14
C GLN B 29 44.29 -19.67 19.78
N LEU B 30 43.15 -19.68 20.48
CA LEU B 30 42.03 -20.50 20.03
C LEU B 30 41.53 -20.04 18.67
N LYS B 31 41.43 -18.72 18.46
CA LYS B 31 41.00 -18.24 17.15
C LYS B 31 42.01 -18.60 16.07
N ASN B 32 43.31 -18.52 16.36
CA ASN B 32 44.31 -18.93 15.38
C ASN B 32 44.18 -20.42 15.07
N GLN B 33 43.98 -21.25 16.10
CA GLN B 33 43.83 -22.69 15.86
C GLN B 33 42.60 -22.97 15.02
N ILE B 34 41.49 -22.26 15.28
CA ILE B 34 40.29 -22.42 14.48
C ILE B 34 40.55 -22.02 13.03
N ARG B 35 41.31 -20.94 12.82
CA ARG B 35 41.62 -20.51 11.47
C ARG B 35 42.47 -21.55 10.73
N ASP B 36 43.47 -22.12 11.41
CA ASP B 36 44.30 -23.13 10.76
C ASP B 36 43.49 -24.40 10.48
N ALA B 37 42.57 -24.75 11.39
CA ALA B 37 41.72 -25.92 11.15
C ALA B 37 40.79 -25.71 9.96
N ARG B 38 40.25 -24.49 9.82
CA ARG B 38 39.41 -24.19 8.67
C ARG B 38 40.21 -24.16 7.38
N LYS B 39 41.47 -23.71 7.44
CA LYS B 39 42.32 -23.70 6.25
C LYS B 39 42.74 -25.10 5.85
N ALA B 40 42.91 -26.00 6.83
CA ALA B 40 43.44 -27.33 6.53
C ALA B 40 42.44 -28.16 5.73
N CYS B 41 41.15 -28.03 6.01
CA CYS B 41 40.14 -28.85 5.36
C CYS B 41 39.75 -28.34 3.98
N ALA B 42 40.34 -27.23 3.52
CA ALA B 42 40.01 -26.65 2.23
C ALA B 42 41.04 -27.06 1.20
N ASP B 43 40.58 -27.58 0.06
CA ASP B 43 41.46 -27.96 -1.03
C ASP B 43 41.13 -27.28 -2.35
N ALA B 44 39.84 -27.10 -2.66
CA ALA B 44 39.42 -26.47 -3.90
C ALA B 44 38.04 -25.86 -3.71
N THR B 45 37.82 -24.71 -4.34
CA THR B 45 36.54 -24.02 -4.21
C THR B 45 35.46 -24.72 -5.04
N LEU B 46 34.23 -24.29 -4.84
CA LEU B 46 33.10 -24.88 -5.57
C LEU B 46 33.12 -24.47 -7.04
N SER B 47 33.54 -23.25 -7.34
CA SER B 47 33.54 -22.78 -8.72
C SER B 47 34.50 -23.58 -9.59
N GLN B 48 35.55 -24.15 -9.00
CA GLN B 48 36.50 -24.93 -9.78
C GLN B 48 35.93 -26.31 -10.13
N ILE B 49 34.95 -26.79 -9.38
CA ILE B 49 34.40 -28.12 -9.63
C ILE B 49 33.24 -28.06 -10.60
N THR B 50 32.33 -27.12 -10.41
CA THR B 50 31.10 -27.03 -11.22
C THR B 50 31.33 -26.28 -12.53
N ASN B 51 32.37 -26.68 -13.27
CA ASN B 51 32.67 -26.09 -14.57
C ASN B 51 32.39 -27.05 -15.72
N ASN B 52 31.57 -28.07 -15.49
CA ASN B 52 31.19 -29.03 -16.52
C ASN B 52 29.68 -29.25 -16.55
N ILE B 53 28.90 -28.23 -16.19
CA ILE B 53 27.45 -28.31 -16.14
C ILE B 53 26.87 -27.23 -17.02
N ASP B 54 25.91 -27.60 -17.86
CA ASP B 54 25.28 -26.64 -18.76
C ASP B 54 24.41 -25.67 -17.95
N PRO B 55 24.71 -24.39 -17.92
CA PRO B 55 23.92 -23.45 -17.11
C PRO B 55 22.64 -23.06 -17.83
N VAL B 56 21.69 -22.54 -17.03
CA VAL B 56 20.44 -22.05 -17.59
C VAL B 56 20.70 -20.79 -18.41
N GLY B 57 20.06 -20.72 -19.57
CA GLY B 57 20.29 -19.59 -20.47
C GLY B 57 19.69 -18.30 -19.97
N ARG B 58 18.37 -18.21 -19.93
CA ARG B 58 17.66 -17.02 -19.49
C ARG B 58 16.39 -17.43 -18.76
N ILE B 59 16.12 -16.80 -17.62
CA ILE B 59 14.90 -17.04 -16.88
C ILE B 59 13.99 -15.83 -17.01
N GLN B 60 13.10 -15.85 -17.99
CA GLN B 60 12.19 -14.74 -18.25
C GLN B 60 10.87 -15.01 -17.53
N MET B 61 10.62 -14.27 -16.46
CA MET B 61 9.42 -14.44 -15.65
C MET B 61 8.56 -13.19 -15.75
N ARG B 62 7.29 -13.38 -16.08
CA ARG B 62 6.35 -12.29 -16.25
C ARG B 62 5.36 -12.27 -15.09
N THR B 63 4.86 -11.07 -14.78
CA THR B 63 3.89 -10.92 -13.71
C THR B 63 2.55 -11.53 -14.12
N ARG B 64 1.86 -12.12 -13.15
CA ARG B 64 0.56 -12.73 -13.37
C ARG B 64 -0.55 -12.03 -12.62
N ARG B 65 -0.39 -11.84 -11.31
CA ARG B 65 -1.37 -11.14 -10.49
C ARG B 65 -0.75 -9.88 -9.91
N THR B 66 -1.61 -8.91 -9.59
CA THR B 66 -1.19 -7.66 -8.96
C THR B 66 -2.14 -7.38 -7.80
N LEU B 67 -1.77 -7.82 -6.62
CA LEU B 67 -2.59 -7.65 -5.43
C LEU B 67 -2.39 -6.24 -4.89
N ARG B 68 -3.44 -5.43 -4.96
CA ARG B 68 -3.40 -4.04 -4.52
C ARG B 68 -4.46 -3.80 -3.46
N GLY B 69 -4.26 -2.73 -2.68
CA GLY B 69 -5.19 -2.39 -1.62
C GLY B 69 -4.54 -1.78 -0.40
N HIS B 70 -3.23 -1.96 -0.25
CA HIS B 70 -2.51 -1.34 0.85
C HIS B 70 -2.31 0.15 0.59
N LEU B 71 -2.07 0.89 1.67
CA LEU B 71 -1.96 2.35 1.59
C LEU B 71 -0.70 2.87 2.27
N ALA B 72 0.31 2.04 2.45
CA ALA B 72 1.57 2.45 3.08
C ALA B 72 2.64 1.45 2.70
N LYS B 73 3.81 1.56 3.32
CA LYS B 73 4.91 0.66 3.04
C LYS B 73 4.54 -0.77 3.44
N ILE B 74 5.25 -1.73 2.86
CA ILE B 74 5.08 -3.15 3.16
C ILE B 74 6.41 -3.68 3.68
N TYR B 75 6.37 -4.35 4.83
CA TYR B 75 7.59 -4.77 5.51
C TYR B 75 7.74 -6.28 5.66
N ALA B 76 6.69 -7.07 5.42
CA ALA B 76 6.81 -8.51 5.60
C ALA B 76 5.78 -9.22 4.73
N MET B 77 6.00 -10.51 4.55
CA MET B 77 5.12 -11.36 3.75
C MET B 77 5.50 -12.82 4.00
N HIS B 78 4.49 -13.67 4.12
CA HIS B 78 4.71 -15.10 4.34
C HIS B 78 3.65 -15.89 3.59
N TRP B 79 4.08 -17.01 3.00
CA TRP B 79 3.19 -17.87 2.23
C TRP B 79 2.58 -18.94 3.14
N GLY B 80 1.37 -19.34 2.81
CA GLY B 80 0.70 -20.39 3.55
C GLY B 80 1.31 -21.76 3.27
N THR B 81 0.79 -22.75 4.01
CA THR B 81 1.27 -24.12 3.83
C THR B 81 0.78 -24.72 2.52
N ASP B 82 -0.44 -24.39 2.11
CA ASP B 82 -1.02 -24.90 0.87
C ASP B 82 -0.62 -24.09 -0.35
N SER B 83 0.26 -23.09 -0.18
CA SER B 83 0.75 -22.26 -1.28
C SER B 83 -0.40 -21.60 -2.05
N ARG B 84 -1.45 -21.20 -1.32
CA ARG B 84 -2.58 -20.53 -1.95
C ARG B 84 -2.90 -19.22 -1.24
N LEU B 85 -2.67 -19.17 0.07
CA LEU B 85 -2.96 -17.99 0.87
C LEU B 85 -1.66 -17.37 1.38
N LEU B 86 -1.66 -16.05 1.51
CA LEU B 86 -0.51 -15.32 2.01
C LEU B 86 -0.98 -14.13 2.83
N VAL B 87 -0.09 -13.63 3.68
CA VAL B 87 -0.39 -12.52 4.58
C VAL B 87 0.72 -11.48 4.45
N SER B 88 0.33 -10.21 4.45
CA SER B 88 1.28 -9.11 4.34
C SER B 88 0.97 -8.06 5.39
N ALA B 89 2.03 -7.52 6.00
CA ALA B 89 1.91 -6.52 7.04
C ALA B 89 2.39 -5.17 6.54
N SER B 90 1.63 -4.12 6.85
CA SER B 90 1.92 -2.77 6.37
C SER B 90 1.96 -1.80 7.53
N GLN B 91 2.46 -0.59 7.25
CA GLN B 91 2.65 0.41 8.29
C GLN B 91 1.34 1.05 8.72
N ASP B 92 0.30 1.02 7.89
CA ASP B 92 -0.96 1.65 8.26
C ASP B 92 -1.74 0.86 9.30
N GLY B 93 -1.27 -0.32 9.67
CA GLY B 93 -1.90 -1.11 10.71
C GLY B 93 -2.82 -2.21 10.25
N LYS B 94 -2.59 -2.80 9.08
CA LYS B 94 -3.43 -3.86 8.55
C LYS B 94 -2.61 -5.13 8.34
N LEU B 95 -3.30 -6.27 8.37
CA LEU B 95 -2.71 -7.58 8.24
C LEU B 95 -3.49 -8.42 7.25
N ILE B 96 -3.73 -7.84 6.06
CA ILE B 96 -4.60 -8.46 5.07
C ILE B 96 -4.12 -9.86 4.72
N ILE B 97 -5.06 -10.76 4.51
CA ILE B 97 -4.79 -12.12 4.06
C ILE B 97 -5.37 -12.27 2.65
N TRP B 98 -4.48 -12.39 1.67
CA TRP B 98 -4.89 -12.40 0.27
C TRP B 98 -5.18 -13.81 -0.21
N ASP B 99 -5.78 -13.89 -1.41
CA ASP B 99 -5.95 -15.14 -2.13
C ASP B 99 -5.15 -15.04 -3.43
N SER B 100 -4.24 -15.98 -3.63
CA SER B 100 -3.31 -15.87 -4.75
C SER B 100 -4.00 -16.11 -6.09
N TYR B 101 -4.99 -17.00 -6.12
CA TYR B 101 -5.58 -17.39 -7.40
C TYR B 101 -6.57 -16.35 -7.91
N THR B 102 -7.48 -15.89 -7.06
CA THR B 102 -8.55 -15.00 -7.48
C THR B 102 -8.40 -13.58 -6.96
N THR B 103 -7.27 -13.26 -6.33
CA THR B 103 -6.90 -11.89 -5.93
C THR B 103 -7.82 -11.38 -4.81
N ASN B 104 -8.82 -12.17 -4.43
CA ASN B 104 -9.75 -11.76 -3.39
C ASN B 104 -9.05 -11.70 -2.04
N LYS B 105 -9.70 -11.05 -1.08
CA LYS B 105 -9.23 -10.96 0.29
C LYS B 105 -10.09 -11.81 1.20
N VAL B 106 -9.49 -12.32 2.28
CA VAL B 106 -10.19 -13.16 3.22
C VAL B 106 -10.37 -12.51 4.59
N HIS B 107 -9.44 -11.65 5.01
CA HIS B 107 -9.53 -10.99 6.30
C HIS B 107 -8.83 -9.65 6.24
N ALA B 108 -9.19 -8.76 7.16
CA ALA B 108 -8.63 -7.41 7.25
C ALA B 108 -8.29 -7.09 8.70
N ILE B 109 -7.58 -8.00 9.35
CA ILE B 109 -7.24 -7.91 10.77
C ILE B 109 -6.53 -6.59 11.06
N PRO B 110 -7.07 -5.75 11.94
CA PRO B 110 -6.39 -4.52 12.33
C PRO B 110 -5.32 -4.80 13.37
N LEU B 111 -4.63 -3.74 13.77
CA LEU B 111 -3.54 -3.84 14.73
C LEU B 111 -3.65 -2.73 15.78
N ARG B 112 -3.07 -2.97 16.95
CA ARG B 112 -3.07 -1.96 18.00
C ARG B 112 -2.02 -0.89 17.72
N SER B 113 -0.78 -1.29 17.50
CA SER B 113 0.31 -0.36 17.21
C SER B 113 0.65 -0.47 15.73
N SER B 114 0.50 0.63 15.00
CA SER B 114 0.74 0.64 13.56
C SER B 114 2.21 0.86 13.24
N TRP B 115 3.08 0.07 13.85
CA TRP B 115 4.52 0.06 13.55
C TRP B 115 4.95 -1.41 13.55
N VAL B 116 4.87 -2.05 12.39
CA VAL B 116 5.15 -3.47 12.26
C VAL B 116 6.39 -3.65 11.40
N MET B 117 7.13 -4.73 11.67
CA MET B 117 8.34 -5.04 10.93
C MET B 117 8.48 -6.52 10.60
N THR B 118 7.49 -7.35 10.90
CA THR B 118 7.58 -8.77 10.63
C THR B 118 6.18 -9.37 10.53
N CYS B 119 6.12 -10.61 10.08
CA CYS B 119 4.87 -11.35 9.98
C CYS B 119 5.20 -12.83 9.83
N ALA B 120 4.20 -13.67 10.08
CA ALA B 120 4.37 -15.11 10.02
C ALA B 120 3.03 -15.75 9.69
N TYR B 121 3.07 -17.07 9.47
CA TYR B 121 1.88 -17.86 9.21
C TYR B 121 2.08 -19.25 9.80
N ALA B 122 1.09 -19.72 10.55
CA ALA B 122 1.20 -21.02 11.19
C ALA B 122 1.23 -22.13 10.14
N PRO B 123 1.97 -23.21 10.39
CA PRO B 123 2.02 -24.31 9.42
C PRO B 123 0.70 -25.04 9.25
N SER B 124 -0.20 -24.95 10.22
CA SER B 124 -1.52 -25.57 10.12
C SER B 124 -2.59 -24.62 9.62
N GLY B 125 -2.25 -23.35 9.39
CA GLY B 125 -3.22 -22.39 8.90
C GLY B 125 -4.19 -21.87 9.92
N ASN B 126 -3.90 -22.06 11.22
CA ASN B 126 -4.82 -21.63 12.27
C ASN B 126 -4.47 -20.23 12.78
N TYR B 127 -3.20 -19.98 13.08
CA TYR B 127 -2.78 -18.73 13.70
C TYR B 127 -1.97 -17.88 12.74
N VAL B 128 -1.80 -16.62 13.10
CA VAL B 128 -0.96 -15.68 12.36
C VAL B 128 -0.40 -14.67 13.37
N ALA B 129 0.91 -14.47 13.33
CA ALA B 129 1.60 -13.60 14.28
C ALA B 129 2.07 -12.33 13.59
N CYS B 130 2.37 -11.32 14.39
CA CYS B 130 2.85 -10.04 13.88
C CYS B 130 3.55 -9.29 15.01
N GLY B 131 4.86 -9.08 14.86
CA GLY B 131 5.61 -8.32 15.85
C GLY B 131 5.47 -6.83 15.65
N GLY B 132 6.57 -6.10 15.76
CA GLY B 132 6.54 -4.68 15.47
C GLY B 132 7.61 -3.95 16.27
N LEU B 133 7.46 -2.62 16.29
CA LEU B 133 8.40 -1.74 16.98
C LEU B 133 8.08 -1.58 18.47
N ASP B 134 6.89 -2.01 18.91
CA ASP B 134 6.50 -1.91 20.32
C ASP B 134 6.90 -3.13 21.12
N ASN B 135 7.95 -3.84 20.68
CA ASN B 135 8.52 -5.02 21.32
C ASN B 135 7.48 -5.95 21.95
N ILE B 136 6.41 -6.24 21.21
CA ILE B 136 5.37 -7.15 21.66
C ILE B 136 4.92 -7.99 20.47
N CYS B 137 4.97 -9.31 20.62
CA CYS B 137 4.54 -10.23 19.58
C CYS B 137 3.09 -10.66 19.86
N SER B 138 2.19 -10.33 18.95
CA SER B 138 0.78 -10.66 19.09
C SER B 138 0.44 -11.87 18.22
N ILE B 139 -0.36 -12.78 18.77
CA ILE B 139 -0.75 -14.00 18.09
C ILE B 139 -2.26 -13.98 17.89
N TYR B 140 -2.69 -14.07 16.65
CA TYR B 140 -4.11 -14.00 16.30
C TYR B 140 -4.66 -15.39 16.00
N ASN B 141 -5.98 -15.53 16.18
CA ASN B 141 -6.69 -16.77 15.93
C ASN B 141 -7.62 -16.58 14.73
N LEU B 142 -7.60 -17.54 13.81
CA LEU B 142 -8.37 -17.43 12.58
C LEU B 142 -9.50 -18.45 12.47
N LYS B 143 -9.56 -19.44 13.36
CA LYS B 143 -10.57 -20.49 13.30
C LYS B 143 -11.47 -20.46 14.53
N THR B 144 -11.89 -19.26 14.94
CA THR B 144 -12.76 -19.12 16.10
C THR B 144 -14.20 -19.44 15.71
N ARG B 145 -15.06 -19.55 16.73
CA ARG B 145 -16.45 -19.87 16.50
C ARG B 145 -17.22 -18.70 15.90
N GLU B 146 -16.89 -17.49 16.32
CA GLU B 146 -17.54 -16.30 15.80
C GLU B 146 -16.96 -15.95 14.43
N GLY B 147 -17.34 -14.79 13.89
CA GLY B 147 -16.90 -14.36 12.59
C GLY B 147 -15.76 -13.37 12.56
N ASN B 148 -15.29 -12.92 13.72
CA ASN B 148 -14.21 -11.96 13.80
C ASN B 148 -12.87 -12.68 14.02
N VAL B 149 -11.82 -11.90 14.26
CA VAL B 149 -10.49 -12.42 14.51
C VAL B 149 -9.99 -11.82 15.82
N ARG B 150 -9.71 -12.66 16.80
CA ARG B 150 -9.34 -12.23 18.14
C ARG B 150 -7.85 -12.39 18.38
N VAL B 151 -7.38 -11.79 19.46
CA VAL B 151 -5.98 -11.87 19.87
C VAL B 151 -5.89 -12.99 20.90
N SER B 152 -5.13 -14.05 20.57
CA SER B 152 -5.05 -15.20 21.46
C SER B 152 -4.07 -14.93 22.62
N ARG B 153 -2.95 -14.29 22.34
CA ARG B 153 -1.94 -14.05 23.36
C ARG B 153 -1.07 -12.86 22.93
N GLU B 154 -0.50 -12.19 23.92
CA GLU B 154 0.40 -11.07 23.69
C GLU B 154 1.69 -11.33 24.49
N LEU B 155 2.74 -11.73 23.80
CA LEU B 155 4.02 -12.04 24.43
C LEU B 155 4.85 -10.76 24.56
N ALA B 156 5.34 -10.50 25.76
CA ALA B 156 6.10 -9.28 26.02
C ALA B 156 7.19 -9.61 27.05
N GLY B 157 8.40 -9.87 26.56
CA GLY B 157 9.53 -10.10 27.43
C GLY B 157 10.83 -9.57 26.87
N HIS B 158 10.74 -8.82 25.77
CA HIS B 158 11.92 -8.29 25.11
C HIS B 158 12.06 -6.80 25.41
N THR B 159 13.29 -6.30 25.30
CA THR B 159 13.57 -4.88 25.50
C THR B 159 13.55 -4.13 24.17
N GLY B 160 14.34 -4.58 23.20
CA GLY B 160 14.37 -3.94 21.90
C GLY B 160 13.27 -4.42 20.99
N TYR B 161 13.17 -3.75 19.84
CA TYR B 161 12.15 -4.08 18.85
C TYR B 161 12.37 -5.48 18.29
N LEU B 162 11.26 -6.10 17.86
CA LEU B 162 11.31 -7.39 17.20
C LEU B 162 11.49 -7.20 15.70
N SER B 163 12.27 -8.09 15.09
CA SER B 163 12.60 -8.01 13.66
C SER B 163 12.01 -9.13 12.84
N CYS B 164 11.96 -10.36 13.37
CA CYS B 164 11.41 -11.48 12.63
C CYS B 164 11.00 -12.57 13.62
N CYS B 165 9.89 -13.24 13.31
CA CYS B 165 9.37 -14.30 14.16
C CYS B 165 8.80 -15.40 13.26
N ARG B 166 9.19 -16.64 13.55
CA ARG B 166 8.76 -17.80 12.78
C ARG B 166 8.11 -18.81 13.71
N PHE B 167 7.03 -19.44 13.23
CA PHE B 167 6.29 -20.42 14.00
C PHE B 167 7.03 -21.75 13.95
N LEU B 168 7.64 -22.13 15.08
CA LEU B 168 8.32 -23.43 15.15
C LEU B 168 7.31 -24.57 15.19
N ASP B 169 6.12 -24.33 15.70
CA ASP B 169 5.07 -25.33 15.79
C ASP B 169 3.75 -24.61 16.01
N ASP B 170 2.68 -25.36 16.27
CA ASP B 170 1.39 -24.75 16.55
C ASP B 170 1.29 -24.21 17.97
N ASN B 171 2.31 -24.45 18.80
CA ASN B 171 2.30 -23.97 20.18
C ASN B 171 3.59 -23.28 20.60
N GLN B 172 4.63 -23.28 19.77
CA GLN B 172 5.91 -22.65 20.10
C GLN B 172 6.31 -21.70 18.99
N ILE B 173 6.85 -20.55 19.39
CA ILE B 173 7.27 -19.51 18.45
C ILE B 173 8.61 -18.95 18.90
N VAL B 174 9.47 -18.64 17.94
CA VAL B 174 10.78 -18.06 18.20
C VAL B 174 10.79 -16.63 17.67
N THR B 175 11.42 -15.73 18.41
CA THR B 175 11.49 -14.32 18.06
C THR B 175 12.93 -13.83 18.13
N SER B 176 13.25 -12.86 17.28
CA SER B 176 14.58 -12.26 17.23
C SER B 176 14.44 -10.76 17.46
N SER B 177 14.80 -10.31 18.65
CA SER B 177 14.64 -8.92 19.02
C SER B 177 15.92 -8.14 18.72
N GLY B 178 15.91 -6.85 19.06
CA GLY B 178 17.04 -5.98 18.82
C GLY B 178 18.01 -5.80 19.95
N ASP B 179 17.71 -6.37 21.12
CA ASP B 179 18.62 -6.27 22.27
C ASP B 179 19.58 -7.45 22.34
N THR B 180 20.22 -7.74 21.21
CA THR B 180 21.28 -8.75 21.10
C THR B 180 20.89 -10.07 21.75
N THR B 181 19.68 -10.55 21.43
CA THR B 181 19.22 -11.79 22.04
C THR B 181 18.12 -12.41 21.19
N CYS B 182 17.95 -13.72 21.35
CA CYS B 182 16.88 -14.48 20.74
C CYS B 182 16.29 -15.42 21.79
N ALA B 183 14.97 -15.62 21.72
CA ALA B 183 14.28 -16.39 22.74
C ALA B 183 13.18 -17.23 22.13
N LEU B 184 12.92 -18.38 22.75
CA LEU B 184 11.84 -19.27 22.37
C LEU B 184 10.69 -19.11 23.37
N TRP B 185 9.48 -18.97 22.86
CA TRP B 185 8.31 -18.67 23.67
C TRP B 185 7.43 -19.90 23.82
N ASP B 186 6.29 -19.70 24.47
CA ASP B 186 5.29 -20.74 24.67
C ASP B 186 3.92 -20.08 24.65
N ILE B 187 3.11 -20.42 23.64
CA ILE B 187 1.85 -19.70 23.42
C ILE B 187 0.86 -20.01 24.54
N GLU B 188 0.82 -21.25 25.00
CA GLU B 188 -0.16 -21.65 26.01
C GLU B 188 0.11 -20.97 27.35
N THR B 189 1.34 -21.11 27.85
CA THR B 189 1.68 -20.52 29.15
C THR B 189 1.89 -19.01 29.06
N GLY B 190 2.53 -18.53 28.00
CA GLY B 190 2.78 -17.12 27.82
C GLY B 190 4.16 -16.65 28.18
N GLN B 191 4.98 -17.50 28.80
CA GLN B 191 6.33 -17.15 29.21
C GLN B 191 7.35 -17.88 28.35
N GLN B 192 8.52 -17.25 28.18
CA GLN B 192 9.57 -17.85 27.38
C GLN B 192 10.24 -18.99 28.14
N THR B 193 10.73 -19.97 27.38
CA THR B 193 11.36 -21.16 27.94
C THR B 193 12.88 -21.11 27.86
N THR B 194 13.43 -20.75 26.70
CA THR B 194 14.87 -20.73 26.49
C THR B 194 15.26 -19.42 25.82
N THR B 195 16.40 -18.86 26.24
CA THR B 195 16.90 -17.61 25.69
C THR B 195 18.28 -17.84 25.12
N PHE B 196 18.49 -17.43 23.87
CA PHE B 196 19.77 -17.58 23.18
C PHE B 196 20.48 -16.24 23.16
N THR B 197 21.66 -16.20 23.78
CA THR B 197 22.46 -14.98 23.84
C THR B 197 23.87 -15.26 23.34
N GLY B 198 24.59 -14.18 23.03
CA GLY B 198 25.94 -14.31 22.54
C GLY B 198 26.28 -13.31 21.45
N HIS B 199 25.25 -12.79 20.77
CA HIS B 199 25.47 -11.83 19.71
C HIS B 199 25.87 -10.47 20.28
N THR B 200 26.71 -9.76 19.55
CA THR B 200 27.16 -8.42 19.95
C THR B 200 26.29 -7.33 19.36
N GLY B 201 25.73 -7.54 18.18
CA GLY B 201 24.86 -6.58 17.53
C GLY B 201 23.41 -7.03 17.52
N ASP B 202 22.54 -6.12 17.08
CA ASP B 202 21.11 -6.40 17.08
C ASP B 202 20.77 -7.44 16.02
N VAL B 203 20.24 -8.58 16.46
CA VAL B 203 19.81 -9.62 15.53
C VAL B 203 18.58 -9.13 14.78
N MET B 204 18.59 -9.30 13.45
CA MET B 204 17.50 -8.75 12.65
C MET B 204 17.01 -9.71 11.56
N SER B 205 17.33 -11.00 11.64
CA SER B 205 16.83 -11.97 10.68
C SER B 205 17.12 -13.37 11.17
N LEU B 206 16.21 -14.31 10.90
CA LEU B 206 16.41 -15.70 11.23
C LEU B 206 15.52 -16.56 10.34
N SER B 207 15.86 -17.84 10.26
CA SER B 207 15.09 -18.80 9.49
C SER B 207 15.18 -20.17 10.17
N LEU B 208 14.06 -20.87 10.24
CA LEU B 208 14.03 -22.20 10.83
C LEU B 208 14.51 -23.24 9.83
N ALA B 209 14.99 -24.37 10.36
CA ALA B 209 15.45 -25.45 9.51
C ALA B 209 14.27 -26.19 8.90
N PRO B 210 14.47 -26.88 7.78
CA PRO B 210 13.37 -27.68 7.20
C PRO B 210 12.90 -28.79 8.13
N ASP B 211 13.80 -29.45 8.83
CA ASP B 211 13.42 -30.50 9.77
C ASP B 211 13.03 -29.95 11.14
N THR B 212 13.14 -28.64 11.33
CA THR B 212 12.71 -27.97 12.56
C THR B 212 13.41 -28.57 13.79
N ARG B 213 14.73 -28.43 13.80
CA ARG B 213 15.52 -28.84 14.95
C ARG B 213 16.55 -27.78 15.31
N LEU B 214 16.95 -26.98 14.31
CA LEU B 214 17.93 -25.92 14.50
C LEU B 214 17.47 -24.67 13.76
N PHE B 215 18.19 -23.58 13.97
CA PHE B 215 17.93 -22.33 13.26
C PHE B 215 19.15 -21.44 13.37
N VAL B 216 19.28 -20.53 12.41
CA VAL B 216 20.41 -19.60 12.34
C VAL B 216 19.89 -18.18 12.44
N SER B 217 20.74 -17.29 12.95
CA SER B 217 20.41 -15.89 13.11
C SER B 217 21.60 -15.05 12.65
N GLY B 218 21.30 -13.96 11.95
CA GLY B 218 22.32 -13.07 11.42
C GLY B 218 22.43 -11.81 12.24
N ALA B 219 23.59 -11.62 12.85
CA ALA B 219 23.82 -10.45 13.68
C ALA B 219 23.95 -9.20 12.80
N CYS B 220 24.21 -8.07 13.46
CA CYS B 220 24.35 -6.80 12.76
C CYS B 220 25.79 -6.35 12.65
N ASP B 221 26.76 -7.17 13.07
CA ASP B 221 28.18 -6.86 12.89
C ASP B 221 28.86 -8.10 12.30
N ALA B 222 28.76 -8.25 10.98
CA ALA B 222 29.50 -9.24 10.19
C ALA B 222 29.64 -10.58 10.93
N SER B 223 28.50 -11.16 11.28
CA SER B 223 28.51 -12.39 12.05
C SER B 223 27.22 -13.16 11.83
N ALA B 224 27.33 -14.49 11.83
CA ALA B 224 26.19 -15.38 11.77
C ALA B 224 26.50 -16.62 12.58
N LYS B 225 25.50 -17.11 13.32
CA LYS B 225 25.68 -18.23 14.22
C LYS B 225 24.62 -19.29 13.94
N LEU B 226 24.82 -20.46 14.55
CA LEU B 226 23.91 -21.58 14.43
C LEU B 226 23.48 -22.03 15.83
N TRP B 227 22.18 -22.04 16.07
CA TRP B 227 21.62 -22.40 17.37
C TRP B 227 20.88 -23.73 17.28
N ASP B 228 20.78 -24.40 18.42
CA ASP B 228 20.00 -25.62 18.57
C ASP B 228 18.88 -25.40 19.58
N VAL B 229 17.71 -25.96 19.28
CA VAL B 229 16.52 -25.66 20.06
C VAL B 229 16.49 -26.45 21.36
N ARG B 230 16.88 -27.73 21.31
CA ARG B 230 16.75 -28.58 22.49
C ARG B 230 17.77 -28.19 23.57
N GLU B 231 19.04 -28.06 23.19
CA GLU B 231 20.08 -27.72 24.16
C GLU B 231 20.06 -26.23 24.50
N GLY B 232 19.95 -25.37 23.50
CA GLY B 232 19.85 -23.95 23.75
C GLY B 232 21.18 -23.21 23.79
N MET B 233 22.15 -23.64 22.98
CA MET B 233 23.46 -23.00 22.91
C MET B 233 23.81 -22.74 21.45
N CYS B 234 24.98 -22.14 21.23
CA CYS B 234 25.50 -21.93 19.90
C CYS B 234 26.45 -23.06 19.53
N ARG B 235 26.34 -23.56 18.31
CA ARG B 235 27.18 -24.66 17.86
C ARG B 235 28.37 -24.17 17.04
N GLN B 236 28.11 -23.40 15.98
CA GLN B 236 29.15 -22.88 15.11
C GLN B 236 28.89 -21.41 14.83
N THR B 237 29.96 -20.71 14.42
CA THR B 237 29.88 -19.31 14.04
C THR B 237 30.46 -19.13 12.65
N PHE B 238 29.91 -18.19 11.90
CA PHE B 238 30.34 -17.92 10.54
C PHE B 238 30.58 -16.43 10.37
N THR B 239 31.71 -16.09 9.74
CA THR B 239 32.06 -14.70 9.48
C THR B 239 32.65 -14.58 8.09
N GLY B 240 32.85 -13.34 7.66
CA GLY B 240 33.42 -13.09 6.34
C GLY B 240 32.82 -11.88 5.66
N HIS B 241 31.62 -11.47 6.09
CA HIS B 241 30.99 -10.30 5.52
C HIS B 241 31.68 -9.03 6.02
N GLU B 242 31.40 -7.92 5.34
CA GLU B 242 32.03 -6.64 5.67
C GLU B 242 31.14 -5.79 6.57
N SER B 243 29.95 -5.43 6.11
CA SER B 243 29.11 -4.51 6.88
C SER B 243 28.29 -5.24 7.94
N ASP B 244 27.38 -6.11 7.52
CA ASP B 244 26.45 -6.77 8.43
C ASP B 244 25.64 -7.79 7.62
N ILE B 245 24.75 -8.49 8.32
CA ILE B 245 23.83 -9.45 7.71
C ILE B 245 22.43 -8.87 7.77
N ASN B 246 21.67 -9.06 6.70
CA ASN B 246 20.34 -8.47 6.59
C ASN B 246 19.24 -9.44 6.22
N ALA B 247 19.56 -10.64 5.73
CA ALA B 247 18.54 -11.63 5.39
C ALA B 247 19.20 -12.99 5.27
N ILE B 248 18.53 -14.03 5.77
CA ILE B 248 19.05 -15.38 5.78
C ILE B 248 17.96 -16.34 5.34
N CYS B 249 18.35 -17.39 4.62
CA CYS B 249 17.45 -18.47 4.23
C CYS B 249 18.24 -19.76 4.12
N PHE B 250 17.58 -20.88 4.41
CA PHE B 250 18.22 -22.18 4.31
C PHE B 250 18.14 -22.76 2.91
N PHE B 251 19.14 -23.58 2.58
CA PHE B 251 19.09 -24.41 1.40
C PHE B 251 18.07 -25.53 1.61
N PRO B 252 17.34 -25.94 0.57
CA PRO B 252 16.33 -26.99 0.75
C PRO B 252 16.91 -28.29 1.29
N ASN B 253 18.19 -28.56 1.07
CA ASN B 253 18.80 -29.79 1.60
C ASN B 253 18.89 -29.73 3.12
N GLY B 254 19.24 -28.58 3.68
CA GLY B 254 19.40 -28.42 5.10
C GLY B 254 20.83 -28.34 5.59
N ASN B 255 21.80 -28.36 4.68
CA ASN B 255 23.22 -28.30 5.05
C ASN B 255 23.89 -27.05 4.50
N ALA B 256 23.12 -26.04 4.13
CA ALA B 256 23.68 -24.79 3.62
C ALA B 256 22.65 -23.69 3.81
N PHE B 257 23.12 -22.44 3.75
CA PHE B 257 22.25 -21.28 3.89
C PHE B 257 22.95 -20.06 3.30
N ALA B 258 22.17 -19.23 2.61
CA ALA B 258 22.68 -18.05 1.95
C ALA B 258 22.33 -16.80 2.75
N THR B 259 23.33 -15.97 3.03
CA THR B 259 23.17 -14.78 3.84
C THR B 259 23.26 -13.53 2.97
N GLY B 260 22.38 -12.58 3.23
CA GLY B 260 22.47 -11.27 2.59
C GLY B 260 23.53 -10.41 3.26
N SER B 261 23.51 -9.14 2.89
CA SER B 261 24.41 -8.15 3.48
C SER B 261 23.93 -6.77 3.05
N ASP B 262 24.74 -5.75 3.37
CA ASP B 262 24.45 -4.38 2.94
C ASP B 262 25.48 -3.84 1.94
N ASP B 263 26.66 -4.46 1.86
CA ASP B 263 27.67 -4.02 0.90
C ASP B 263 27.60 -4.80 -0.41
N ALA B 264 26.39 -4.89 -0.97
CA ALA B 264 26.14 -5.48 -2.29
C ALA B 264 26.85 -6.82 -2.46
N THR B 265 26.52 -7.77 -1.58
CA THR B 265 27.16 -9.08 -1.62
C THR B 265 26.31 -10.07 -0.84
N CYS B 266 26.08 -11.25 -1.43
CA CYS B 266 25.46 -12.37 -0.75
C CYS B 266 26.31 -13.60 -0.96
N ARG B 267 26.48 -14.40 0.09
CA ARG B 267 27.36 -15.55 0.07
C ARG B 267 26.59 -16.80 0.45
N LEU B 268 27.24 -17.95 0.27
CA LEU B 268 26.66 -19.25 0.57
C LEU B 268 27.62 -20.01 1.49
N PHE B 269 27.19 -20.25 2.73
CA PHE B 269 28.00 -20.94 3.71
C PHE B 269 27.61 -22.41 3.79
N ASP B 270 28.36 -23.16 4.57
CA ASP B 270 28.13 -24.59 4.77
C ASP B 270 28.12 -24.90 6.26
N LEU B 271 27.18 -25.75 6.68
CA LEU B 271 27.07 -26.08 8.09
C LEU B 271 28.05 -27.19 8.50
N ARG B 272 28.16 -28.24 7.69
CA ARG B 272 29.07 -29.32 8.01
C ARG B 272 30.53 -28.85 7.99
N ALA B 273 30.90 -28.07 6.99
CA ALA B 273 32.23 -27.47 6.88
C ALA B 273 32.08 -25.97 7.09
N ASP B 274 32.51 -25.48 8.24
CA ASP B 274 32.33 -24.07 8.58
C ASP B 274 33.28 -23.19 7.77
N GLN B 275 33.02 -23.06 6.48
CA GLN B 275 33.84 -22.24 5.60
C GLN B 275 33.00 -21.78 4.42
N GLU B 276 33.34 -20.60 3.91
CA GLU B 276 32.64 -20.04 2.76
C GLU B 276 32.87 -20.90 1.52
N LEU B 277 31.88 -20.90 0.63
CA LEU B 277 31.95 -21.65 -0.62
C LEU B 277 32.08 -20.73 -1.83
N MET B 278 31.17 -19.77 -1.99
CA MET B 278 31.23 -18.86 -3.11
C MET B 278 30.46 -17.59 -2.76
N THR B 279 30.75 -16.53 -3.52
CA THR B 279 30.12 -15.23 -3.32
C THR B 279 29.47 -14.76 -4.62
N TYR B 280 28.35 -14.07 -4.50
CA TYR B 280 27.59 -13.58 -5.65
C TYR B 280 27.64 -12.04 -5.61
N SER B 281 28.69 -11.48 -6.21
CA SER B 281 28.90 -10.04 -6.23
C SER B 281 29.23 -9.60 -7.64
N HIS B 282 28.75 -8.41 -8.00
CA HIS B 282 28.98 -7.83 -9.31
C HIS B 282 29.53 -6.41 -9.14
N ASP B 283 30.26 -5.96 -10.16
CA ASP B 283 30.83 -4.62 -10.17
C ASP B 283 29.82 -3.55 -10.57
N ASN B 284 28.57 -3.93 -10.84
CA ASN B 284 27.53 -3.00 -11.23
C ASN B 284 26.63 -2.63 -10.04
N ILE B 285 26.53 -3.50 -9.04
CA ILE B 285 25.65 -3.29 -7.90
C ILE B 285 26.48 -2.74 -6.75
N ILE B 286 26.03 -1.63 -6.17
CA ILE B 286 26.67 -1.02 -5.02
C ILE B 286 25.63 -0.75 -3.95
N CYS B 287 24.52 -1.48 -4.01
CA CYS B 287 23.38 -1.29 -3.12
C CYS B 287 23.16 -2.54 -2.28
N GLY B 288 22.54 -2.35 -1.12
CA GLY B 288 22.35 -3.43 -0.17
C GLY B 288 21.39 -4.49 -0.66
N ILE B 289 21.21 -5.49 0.20
CA ILE B 289 20.30 -6.60 -0.04
C ILE B 289 19.27 -6.65 1.08
N THR B 290 18.01 -6.87 0.72
CA THR B 290 16.92 -6.86 1.69
C THR B 290 16.36 -8.24 1.99
N SER B 291 16.16 -9.09 0.98
CA SER B 291 15.60 -10.41 1.20
C SER B 291 16.29 -11.41 0.30
N VAL B 292 16.40 -12.65 0.80
CA VAL B 292 17.03 -13.74 0.07
C VAL B 292 16.21 -15.01 0.31
N SER B 293 15.86 -15.72 -0.76
CA SER B 293 15.14 -16.98 -0.64
C SER B 293 15.53 -17.89 -1.80
N PHE B 294 15.68 -19.18 -1.50
CA PHE B 294 16.11 -20.16 -2.48
C PHE B 294 14.93 -20.55 -3.38
N SER B 295 15.12 -21.60 -4.17
CA SER B 295 14.09 -22.12 -5.06
C SER B 295 13.66 -23.51 -4.59
N LYS B 296 12.80 -24.15 -5.38
CA LYS B 296 12.26 -25.45 -5.00
C LYS B 296 13.35 -26.53 -4.99
N SER B 297 14.24 -26.50 -5.97
CA SER B 297 15.30 -27.51 -6.09
C SER B 297 16.67 -26.96 -5.71
N GLY B 298 16.74 -25.74 -5.21
CA GLY B 298 18.02 -25.16 -4.83
C GLY B 298 18.93 -24.83 -5.99
N ARG B 299 18.36 -24.41 -7.12
CA ARG B 299 19.14 -24.02 -8.29
C ARG B 299 19.08 -22.53 -8.59
N LEU B 300 18.04 -21.84 -8.15
CA LEU B 300 17.90 -20.40 -8.36
C LEU B 300 17.88 -19.70 -7.01
N LEU B 301 18.72 -18.68 -6.86
CA LEU B 301 18.83 -17.92 -5.62
C LEU B 301 18.27 -16.52 -5.88
N LEU B 302 16.99 -16.34 -5.56
CA LEU B 302 16.37 -15.04 -5.72
C LEU B 302 16.88 -14.07 -4.66
N ALA B 303 17.19 -12.85 -5.07
CA ALA B 303 17.69 -11.82 -4.17
C ALA B 303 16.99 -10.51 -4.47
N GLY B 304 16.50 -9.84 -3.43
CA GLY B 304 15.83 -8.58 -3.61
C GLY B 304 16.65 -7.39 -3.16
N TYR B 305 17.19 -6.64 -4.12
CA TYR B 305 18.03 -5.49 -3.82
C TYR B 305 17.16 -4.26 -3.57
N ASP B 306 17.80 -3.20 -3.07
CA ASP B 306 17.11 -1.95 -2.76
C ASP B 306 17.29 -0.88 -3.83
N ASP B 307 17.66 -1.27 -5.05
CA ASP B 307 17.70 -0.36 -6.19
C ASP B 307 16.48 -0.53 -7.07
N PHE B 308 15.33 -0.80 -6.46
CA PHE B 308 14.00 -0.88 -7.09
C PHE B 308 13.79 -2.12 -7.95
N ASN B 309 14.70 -3.09 -7.93
CA ASN B 309 14.51 -4.31 -8.71
C ASN B 309 15.14 -5.48 -8.00
N CYS B 310 14.81 -6.68 -8.47
CA CYS B 310 15.26 -7.94 -7.89
C CYS B 310 16.32 -8.58 -8.79
N ASN B 311 16.73 -9.79 -8.43
CA ASN B 311 17.68 -10.53 -9.24
C ASN B 311 17.39 -12.03 -9.10
N VAL B 312 17.86 -12.80 -10.07
CA VAL B 312 17.54 -14.22 -10.18
C VAL B 312 18.87 -14.98 -10.17
N TRP B 313 19.83 -14.49 -9.38
CA TRP B 313 21.16 -15.08 -9.28
C TRP B 313 21.13 -16.59 -9.26
N ASP B 314 21.96 -17.20 -10.12
CA ASP B 314 22.11 -18.64 -10.15
C ASP B 314 22.80 -19.13 -8.87
N ALA B 315 22.55 -20.38 -8.51
CA ALA B 315 23.04 -20.89 -7.23
C ALA B 315 24.43 -21.49 -7.35
N LEU B 316 24.69 -22.26 -8.41
CA LEU B 316 25.96 -22.95 -8.57
C LEU B 316 26.88 -22.32 -9.60
N LYS B 317 26.43 -21.27 -10.29
CA LYS B 317 27.25 -20.64 -11.32
C LYS B 317 27.63 -19.20 -11.01
N ALA B 318 27.01 -18.57 -10.01
CA ALA B 318 27.29 -17.19 -9.64
C ALA B 318 27.11 -16.23 -10.81
N ASP B 319 26.24 -16.59 -11.75
CA ASP B 319 25.97 -15.78 -12.93
C ASP B 319 24.51 -15.38 -12.95
N ARG B 320 24.25 -14.09 -13.10
CA ARG B 320 22.88 -13.60 -13.17
C ARG B 320 22.16 -14.19 -14.38
N ALA B 321 20.91 -14.59 -14.19
CA ALA B 321 20.14 -15.21 -15.24
C ALA B 321 18.71 -14.68 -15.31
N GLY B 322 18.51 -13.42 -14.91
CA GLY B 322 17.20 -12.82 -14.95
C GLY B 322 17.06 -11.63 -14.03
N VAL B 323 16.15 -10.72 -14.35
CA VAL B 323 15.92 -9.51 -13.56
C VAL B 323 14.42 -9.25 -13.52
N LEU B 324 13.84 -9.19 -12.32
CA LEU B 324 12.43 -8.89 -12.15
C LEU B 324 12.30 -7.41 -11.79
N ALA B 325 12.47 -6.55 -12.79
CA ALA B 325 12.55 -5.11 -12.59
C ALA B 325 11.20 -4.42 -12.66
N GLY B 326 10.11 -5.15 -12.49
CA GLY B 326 8.79 -4.55 -12.57
C GLY B 326 8.30 -3.95 -11.27
N HIS B 327 9.12 -3.10 -10.64
CA HIS B 327 8.75 -2.47 -9.38
C HIS B 327 9.12 -0.99 -9.41
N ASP B 328 8.47 -0.23 -8.55
CA ASP B 328 8.66 1.22 -8.47
C ASP B 328 9.61 1.63 -7.36
N ASN B 329 9.49 1.05 -6.18
CA ASN B 329 10.33 1.43 -5.05
C ASN B 329 11.13 0.23 -4.54
N ARG B 330 11.84 0.40 -3.42
CA ARG B 330 12.66 -0.66 -2.88
C ARG B 330 11.80 -1.83 -2.41
N VAL B 331 12.20 -3.04 -2.79
CA VAL B 331 11.51 -4.24 -2.32
C VAL B 331 11.97 -4.56 -0.91
N SER B 332 11.05 -5.10 -0.10
CA SER B 332 11.34 -5.38 1.29
C SER B 332 11.03 -6.82 1.71
N CYS B 333 10.37 -7.61 0.87
CA CYS B 333 10.00 -8.96 1.24
C CYS B 333 9.67 -9.76 -0.01
N LEU B 334 10.18 -10.99 -0.07
CA LEU B 334 9.87 -11.88 -1.18
C LEU B 334 10.14 -13.32 -0.75
N GLY B 335 9.30 -14.24 -1.20
CA GLY B 335 9.46 -15.63 -0.87
C GLY B 335 8.79 -16.59 -1.85
N VAL B 336 9.46 -17.70 -2.15
CA VAL B 336 8.91 -18.70 -3.05
C VAL B 336 7.89 -19.55 -2.30
N THR B 337 6.97 -20.16 -3.06
CA THR B 337 5.94 -20.99 -2.46
C THR B 337 6.54 -22.33 -2.02
N ASP B 338 5.69 -23.17 -1.41
CA ASP B 338 6.16 -24.45 -0.92
C ASP B 338 6.40 -25.43 -2.06
N ASP B 339 5.50 -25.48 -3.04
CA ASP B 339 5.63 -26.37 -4.17
C ASP B 339 6.45 -25.76 -5.32
N GLY B 340 6.94 -24.53 -5.14
CA GLY B 340 7.73 -23.89 -6.19
C GLY B 340 6.93 -23.52 -7.42
N MET B 341 5.71 -23.02 -7.23
CA MET B 341 4.87 -22.65 -8.37
C MET B 341 5.00 -21.19 -8.76
N ALA B 342 5.20 -20.29 -7.78
CA ALA B 342 5.29 -18.87 -8.06
C ALA B 342 6.10 -18.20 -6.98
N VAL B 343 6.43 -16.93 -7.21
CA VAL B 343 7.12 -16.09 -6.25
C VAL B 343 6.36 -14.78 -6.12
N ALA B 344 6.42 -14.17 -4.94
CA ALA B 344 5.74 -12.91 -4.67
C ALA B 344 6.72 -11.91 -4.07
N THR B 345 6.68 -10.68 -4.54
CA THR B 345 7.56 -9.62 -4.05
C THR B 345 6.74 -8.44 -3.58
N GLY B 346 7.15 -7.84 -2.46
CA GLY B 346 6.49 -6.66 -1.95
C GLY B 346 7.45 -5.51 -1.76
N SER B 347 7.08 -4.34 -2.26
CA SER B 347 7.93 -3.15 -2.21
C SER B 347 7.23 -2.06 -1.40
N TRP B 348 7.93 -0.94 -1.23
CA TRP B 348 7.43 0.17 -0.43
C TRP B 348 6.37 0.99 -1.14
N ASP B 349 5.91 0.57 -2.32
CA ASP B 349 4.83 1.24 -3.02
C ASP B 349 3.48 0.59 -2.79
N SER B 350 3.38 -0.31 -1.82
CA SER B 350 2.13 -1.00 -1.46
C SER B 350 1.55 -1.76 -2.64
N PHE B 351 2.40 -2.52 -3.33
CA PHE B 351 1.98 -3.31 -4.49
C PHE B 351 2.69 -4.65 -4.45
N LEU B 352 1.93 -5.72 -4.30
CA LEU B 352 2.47 -7.08 -4.41
C LEU B 352 2.24 -7.61 -5.82
N LYS B 353 3.23 -8.35 -6.33
CA LYS B 353 3.17 -8.90 -7.67
C LYS B 353 3.55 -10.37 -7.62
N ILE B 354 2.71 -11.22 -8.21
CA ILE B 354 2.93 -12.66 -8.25
C ILE B 354 3.59 -13.00 -9.58
N TRP B 355 4.86 -13.38 -9.53
CA TRP B 355 5.62 -13.74 -10.72
C TRP B 355 5.59 -15.25 -10.89
N ASN B 356 5.61 -15.70 -12.14
CA ASN B 356 5.57 -17.13 -12.43
C ASN B 356 6.44 -17.46 -13.64
N THR C 6 35.90 -5.96 39.26
CA THR C 6 36.19 -7.08 38.36
C THR C 6 34.93 -7.82 37.96
N ALA C 7 34.36 -7.46 36.81
CA ALA C 7 33.14 -8.08 36.31
C ALA C 7 33.24 -8.61 34.89
N SER C 8 34.17 -8.11 34.07
CA SER C 8 34.33 -8.62 32.72
C SER C 8 35.00 -9.99 32.67
N ILE C 9 35.57 -10.44 33.79
CA ILE C 9 36.20 -11.75 33.82
C ILE C 9 35.18 -12.85 33.56
N ALA C 10 33.93 -12.64 33.98
CA ALA C 10 32.88 -13.62 33.73
C ALA C 10 32.61 -13.75 32.24
N GLN C 11 32.44 -12.63 31.54
CA GLN C 11 32.21 -12.67 30.11
C GLN C 11 33.42 -13.25 29.37
N ALA C 12 34.62 -12.94 29.84
CA ALA C 12 35.82 -13.51 29.23
C ALA C 12 35.85 -15.03 29.39
N ARG C 13 35.51 -15.53 30.59
CA ARG C 13 35.49 -16.97 30.80
C ARG C 13 34.42 -17.63 29.94
N LYS C 14 33.22 -17.04 29.87
CA LYS C 14 32.20 -17.61 29.00
C LYS C 14 32.68 -17.68 27.55
N LEU C 15 33.34 -16.63 27.08
CA LEU C 15 33.85 -16.64 25.71
C LEU C 15 34.92 -17.70 25.53
N VAL C 16 35.77 -17.89 26.54
CA VAL C 16 36.85 -18.87 26.43
C VAL C 16 36.29 -20.29 26.39
N GLU C 17 35.36 -20.62 27.29
CA GLU C 17 34.78 -21.97 27.21
C GLU C 17 33.91 -22.14 25.97
N GLN C 18 33.30 -21.07 25.45
CA GLN C 18 32.55 -21.22 24.21
C GLN C 18 33.48 -21.54 23.05
N LEU C 19 34.62 -20.83 22.97
CA LEU C 19 35.62 -21.17 21.96
C LEU C 19 36.12 -22.59 22.12
N LYS C 20 36.34 -23.02 23.37
CA LYS C 20 36.85 -24.37 23.62
C LYS C 20 35.84 -25.42 23.18
N MET C 21 34.56 -25.22 23.49
CA MET C 21 33.55 -26.21 23.12
C MET C 21 33.23 -26.16 21.63
N GLU C 22 33.51 -25.03 20.97
CA GLU C 22 33.32 -24.97 19.52
C GLU C 22 34.50 -25.57 18.77
N ALA C 23 35.69 -25.56 19.35
CA ALA C 23 36.87 -26.09 18.69
C ALA C 23 36.87 -27.60 18.56
N ASN C 24 35.85 -28.29 19.09
CA ASN C 24 35.78 -29.74 19.03
C ASN C 24 34.90 -30.26 17.90
N ILE C 25 34.55 -29.41 16.95
CA ILE C 25 33.67 -29.80 15.85
C ILE C 25 34.49 -30.52 14.78
N ASP C 26 33.91 -31.57 14.21
CA ASP C 26 34.56 -32.28 13.12
C ASP C 26 34.37 -31.52 11.80
N ARG C 27 35.29 -31.75 10.87
CA ARG C 27 35.29 -31.06 9.59
C ARG C 27 35.07 -32.05 8.45
N ILE C 28 34.35 -31.59 7.43
CA ILE C 28 34.05 -32.39 6.24
C ILE C 28 34.72 -31.73 5.05
N LYS C 29 35.26 -32.56 4.15
CA LYS C 29 35.95 -32.04 2.98
C LYS C 29 35.02 -31.19 2.12
N VAL C 30 35.59 -30.16 1.51
CA VAL C 30 34.80 -29.25 0.68
C VAL C 30 34.32 -29.94 -0.60
N SER C 31 35.13 -30.85 -1.14
CA SER C 31 34.74 -31.55 -2.36
C SER C 31 33.51 -32.42 -2.12
N LYS C 32 33.42 -33.06 -0.96
CA LYS C 32 32.26 -33.88 -0.65
C LYS C 32 30.99 -33.04 -0.57
N ALA C 33 31.09 -31.87 0.08
CA ALA C 33 29.91 -31.00 0.18
C ALA C 33 29.51 -30.46 -1.18
N ALA C 34 30.50 -30.11 -2.02
CA ALA C 34 30.19 -29.64 -3.37
C ALA C 34 29.50 -30.73 -4.18
N ALA C 35 30.01 -31.96 -4.10
CA ALA C 35 29.40 -33.07 -4.82
C ALA C 35 27.99 -33.35 -4.32
N ASP C 36 27.78 -33.26 -3.01
CA ASP C 36 26.44 -33.48 -2.47
C ASP C 36 25.46 -32.40 -2.94
N LEU C 37 25.91 -31.14 -2.94
CA LEU C 37 25.04 -30.06 -3.44
C LEU C 37 24.72 -30.27 -4.92
N MET C 38 25.73 -30.64 -5.72
CA MET C 38 25.49 -30.88 -7.14
C MET C 38 24.51 -32.03 -7.35
N ALA C 39 24.68 -33.11 -6.60
CA ALA C 39 23.78 -34.25 -6.73
C ALA C 39 22.36 -33.88 -6.33
N TYR C 40 22.21 -33.07 -5.27
CA TYR C 40 20.88 -32.68 -4.85
C TYR C 40 20.20 -31.79 -5.87
N CYS C 41 20.94 -30.84 -6.46
CA CYS C 41 20.29 -29.94 -7.40
C CYS C 41 20.03 -30.63 -8.73
N GLU C 42 20.82 -31.66 -9.08
CA GLU C 42 20.57 -32.38 -10.32
C GLU C 42 19.56 -33.50 -10.16
N ALA C 43 19.27 -33.93 -8.94
CA ALA C 43 18.30 -35.00 -8.73
C ALA C 43 16.87 -34.49 -8.74
N HIS C 44 16.61 -33.45 -7.95
CA HIS C 44 15.26 -32.88 -7.83
C HIS C 44 15.01 -31.76 -8.84
N ALA C 45 15.76 -31.72 -9.94
CA ALA C 45 15.57 -30.68 -10.94
C ALA C 45 14.38 -30.94 -11.85
N LYS C 46 13.72 -32.09 -11.71
CA LYS C 46 12.58 -32.41 -12.56
C LYS C 46 11.29 -31.80 -12.03
N GLU C 47 11.18 -31.60 -10.71
CA GLU C 47 9.98 -31.05 -10.09
C GLU C 47 10.12 -29.57 -9.76
N ASP C 48 10.98 -28.85 -10.47
CA ASP C 48 11.17 -27.42 -10.25
C ASP C 48 10.56 -26.65 -11.41
N PRO C 49 9.40 -26.01 -11.22
CA PRO C 49 8.77 -25.26 -12.32
C PRO C 49 9.33 -23.86 -12.53
N LEU C 50 10.49 -23.52 -11.97
CA LEU C 50 11.07 -22.20 -12.19
C LEU C 50 12.03 -22.20 -13.37
N LEU C 51 13.09 -23.02 -13.30
CA LEU C 51 14.03 -23.10 -14.42
C LEU C 51 13.51 -23.97 -15.56
N THR C 52 12.53 -24.82 -15.29
CA THR C 52 11.90 -25.62 -16.33
C THR C 52 10.56 -25.01 -16.68
N PRO C 53 10.33 -24.58 -17.92
CA PRO C 53 9.07 -23.92 -18.27
C PRO C 53 7.89 -24.87 -18.12
N VAL C 54 6.78 -24.32 -17.65
CA VAL C 54 5.55 -25.09 -17.43
C VAL C 54 4.55 -24.73 -18.53
N PRO C 55 3.84 -25.70 -19.09
CA PRO C 55 2.83 -25.38 -20.11
C PRO C 55 1.71 -24.53 -19.53
N ALA C 56 1.14 -23.68 -20.39
CA ALA C 56 0.09 -22.76 -19.95
C ALA C 56 -1.21 -23.46 -19.59
N SER C 57 -1.34 -24.75 -19.88
CA SER C 57 -2.55 -25.49 -19.55
C SER C 57 -2.50 -26.12 -18.17
N GLU C 58 -1.42 -25.93 -17.42
CA GLU C 58 -1.27 -26.54 -16.10
C GLU C 58 -1.06 -25.53 -14.98
N ASN C 59 -0.39 -24.41 -15.24
CA ASN C 59 -0.11 -23.45 -14.18
C ASN C 59 -1.41 -22.80 -13.70
N PRO C 60 -1.68 -22.82 -12.39
CA PRO C 60 -2.93 -22.20 -11.90
C PRO C 60 -2.93 -20.69 -11.97
N PHE C 61 -1.79 -20.05 -12.26
CA PHE C 61 -1.69 -18.60 -12.32
C PHE C 61 -1.87 -18.06 -13.73
N ARG C 62 -2.67 -18.72 -14.56
CA ARG C 62 -2.93 -18.24 -15.91
C ARG C 62 -3.65 -16.89 -15.87
N GLU C 63 -3.57 -16.17 -16.97
CA GLU C 63 -4.20 -14.86 -17.08
C GLU C 63 -5.10 -14.77 -18.30
N TYR D 206 -17.11 27.13 -56.20
CA TYR D 206 -16.17 27.99 -55.47
C TYR D 206 -16.03 29.34 -56.16
N ASP D 207 -16.99 29.68 -57.02
CA ASP D 207 -16.93 30.94 -57.75
C ASP D 207 -17.39 32.10 -56.86
N ILE D 208 -18.10 31.80 -55.77
CA ILE D 208 -18.66 32.86 -54.94
C ILE D 208 -17.58 33.45 -54.04
N ILE D 209 -16.52 32.68 -53.76
CA ILE D 209 -15.51 33.14 -52.81
C ILE D 209 -14.68 34.27 -53.41
N VAL D 210 -14.41 34.20 -54.72
CA VAL D 210 -13.62 35.26 -55.35
C VAL D 210 -14.45 36.54 -55.49
N ARG D 211 -15.75 36.41 -55.76
CA ARG D 211 -16.60 37.58 -55.86
C ARG D 211 -16.85 38.19 -54.49
N HIS D 212 -16.78 37.37 -53.44
CA HIS D 212 -16.90 37.90 -52.08
C HIS D 212 -15.61 38.59 -51.65
N TYR D 213 -14.46 38.03 -52.04
CA TYR D 213 -13.19 38.68 -51.75
C TYR D 213 -13.06 40.01 -52.47
N ASN D 214 -13.51 40.06 -53.73
CA ASN D 214 -13.48 41.33 -54.47
C ASN D 214 -14.42 42.35 -53.84
N TYR D 215 -15.52 41.88 -53.23
CA TYR D 215 -16.43 42.79 -52.56
C TYR D 215 -15.83 43.33 -51.26
N THR D 216 -15.19 42.45 -50.48
CA THR D 216 -14.58 42.89 -49.22
C THR D 216 -13.39 43.79 -49.47
N GLY D 217 -12.74 43.67 -50.63
CA GLY D 217 -11.63 44.51 -51.01
C GLY D 217 -10.28 43.82 -51.05
N LYS D 218 -10.17 42.61 -50.52
CA LYS D 218 -8.89 41.92 -50.52
C LYS D 218 -8.54 41.43 -51.93
N LEU D 219 -7.27 41.57 -52.28
CA LEU D 219 -6.80 41.16 -53.60
C LEU D 219 -5.55 40.30 -53.48
N LYS D 230 5.69 36.69 -48.86
CA LYS D 230 6.18 35.33 -48.66
C LYS D 230 7.47 35.33 -47.86
N LEU D 231 8.19 36.45 -47.89
CA LEU D 231 9.45 36.52 -47.18
C LEU D 231 9.26 36.34 -45.68
N THR D 232 8.20 36.96 -45.14
CA THR D 232 7.93 36.84 -43.72
C THR D 232 7.62 35.40 -43.34
N SER D 233 6.87 34.72 -44.19
CA SER D 233 6.50 33.34 -43.88
C SER D 233 7.66 32.39 -43.57
N VAL D 234 8.69 32.33 -44.43
CA VAL D 234 9.80 31.42 -44.21
C VAL D 234 10.41 31.62 -42.82
N VAL D 235 10.58 32.87 -42.41
CA VAL D 235 11.10 33.13 -41.07
C VAL D 235 10.11 32.63 -40.02
N PHE D 236 8.82 32.83 -40.27
CA PHE D 236 7.77 32.43 -39.35
C PHE D 236 7.73 30.94 -39.09
N ILE D 237 7.92 30.13 -40.12
CA ILE D 237 7.88 28.67 -39.97
C ILE D 237 8.82 28.19 -38.87
N LEU D 238 10.03 28.73 -38.85
CA LEU D 238 10.99 28.44 -37.79
C LEU D 238 10.38 28.64 -36.41
N ILE D 239 9.52 29.66 -36.27
CA ILE D 239 8.85 29.88 -34.99
C ILE D 239 7.96 28.69 -34.65
N CYS D 240 7.17 28.22 -35.61
CA CYS D 240 6.32 27.06 -35.36
C CYS D 240 7.14 25.81 -35.08
N CYS D 241 8.28 25.66 -35.76
CA CYS D 241 9.15 24.52 -35.49
C CYS D 241 9.68 24.55 -34.06
N PHE D 242 10.12 25.73 -33.61
CA PHE D 242 10.58 25.87 -32.23
C PHE D 242 9.46 25.58 -31.24
N ILE D 243 8.24 26.03 -31.55
CA ILE D 243 7.10 25.78 -30.68
C ILE D 243 6.83 24.29 -30.57
N ILE D 244 6.79 23.60 -31.70
CA ILE D 244 6.59 22.15 -31.69
C ILE D 244 7.70 21.46 -30.91
N LEU D 245 8.94 21.91 -31.09
CA LEU D 245 10.07 21.28 -30.40
C LEU D 245 9.93 21.42 -28.89
N GLU D 246 9.67 22.64 -28.41
CA GLU D 246 9.58 22.84 -26.96
C GLU D 246 8.35 22.14 -26.38
N ASN D 247 7.24 22.10 -27.13
CA ASN D 247 6.05 21.42 -26.63
C ASN D 247 6.26 19.91 -26.54
N ILE D 248 6.88 19.31 -27.57
CA ILE D 248 7.14 17.88 -27.50
C ILE D 248 8.19 17.57 -26.44
N PHE D 249 9.11 18.50 -26.19
CA PHE D 249 10.08 18.30 -25.11
C PHE D 249 9.37 18.27 -23.76
N VAL D 250 8.47 19.23 -23.53
CA VAL D 250 7.72 19.25 -22.28
C VAL D 250 6.86 18.00 -22.15
N LEU D 251 6.26 17.55 -23.25
CA LEU D 251 5.42 16.35 -23.20
C LEU D 251 6.23 15.11 -22.85
N LEU D 252 7.39 14.94 -23.49
CA LEU D 252 8.22 13.78 -23.17
C LEU D 252 8.83 13.87 -21.78
N THR D 253 9.04 15.09 -21.27
CA THR D 253 9.52 15.23 -19.90
C THR D 253 8.44 14.84 -18.90
N ILE D 254 7.20 15.21 -19.17
CA ILE D 254 6.10 14.86 -18.27
C ILE D 254 5.81 13.37 -18.34
N TRP D 255 5.90 12.77 -19.53
CA TRP D 255 5.50 11.38 -19.70
C TRP D 255 6.56 10.43 -19.14
N LYS D 256 7.83 10.78 -19.27
CA LYS D 256 8.90 9.85 -18.91
C LYS D 256 9.01 9.68 -17.40
N THR D 257 9.15 10.79 -16.67
CA THR D 257 9.34 10.73 -15.23
C THR D 257 8.09 10.21 -14.54
N LYS D 258 8.26 9.25 -13.64
CA LYS D 258 7.14 8.65 -12.93
C LYS D 258 6.64 9.52 -11.78
N LYS D 259 7.39 10.56 -11.41
CA LYS D 259 6.98 11.40 -10.28
C LYS D 259 5.76 12.25 -10.64
N PHE D 260 5.73 12.80 -11.85
CA PHE D 260 4.64 13.68 -12.27
C PHE D 260 3.49 12.86 -12.84
N HIS D 261 2.74 12.25 -11.92
CA HIS D 261 1.60 11.42 -12.27
C HIS D 261 0.31 11.85 -11.57
N ARG D 262 0.36 12.85 -10.70
CA ARG D 262 -0.84 13.32 -10.03
C ARG D 262 -1.65 14.23 -10.96
N PRO D 263 -2.94 14.40 -10.69
CA PRO D 263 -3.80 15.17 -11.62
C PRO D 263 -3.30 16.57 -11.92
N MET D 264 -2.43 17.15 -11.09
CA MET D 264 -1.94 18.49 -11.38
C MET D 264 -1.07 18.52 -12.63
N TYR D 265 -0.15 17.57 -12.76
CA TYR D 265 0.77 17.57 -13.88
C TYR D 265 0.15 17.01 -15.17
N TYR D 266 -1.14 16.73 -15.17
CA TYR D 266 -1.83 16.35 -16.40
C TYR D 266 -2.42 17.55 -17.12
N PHE D 267 -2.82 18.58 -16.38
CA PHE D 267 -3.32 19.80 -17.01
C PHE D 267 -2.21 20.49 -17.81
N ILE D 268 -0.97 20.43 -17.30
CA ILE D 268 0.15 21.03 -18.02
C ILE D 268 0.41 20.26 -19.31
N GLY D 269 0.31 18.92 -19.27
CA GLY D 269 0.45 18.15 -20.49
C GLY D 269 -0.65 18.44 -21.48
N ASN D 270 -1.87 18.62 -20.99
CA ASN D 270 -2.99 18.99 -21.88
C ASN D 270 -2.74 20.35 -22.51
N LEU D 271 -2.23 21.31 -21.73
CA LEU D 271 -1.93 22.63 -22.28
C LEU D 271 -0.82 22.55 -23.33
N ALA D 272 0.19 21.72 -23.08
CA ALA D 272 1.27 21.57 -24.06
C ALA D 272 0.76 20.92 -25.34
N LEU D 273 -0.12 19.92 -25.20
CA LEU D 273 -0.71 19.30 -26.38
C LEU D 273 -1.54 20.28 -27.18
N SER D 274 -2.33 21.11 -26.48
CA SER D 274 -3.14 22.12 -27.18
C SER D 274 -2.25 23.17 -27.85
N ASP D 275 -1.13 23.50 -27.22
CA ASP D 275 -0.20 24.45 -27.84
C ASP D 275 0.43 23.86 -29.09
N LEU D 276 0.82 22.59 -29.04
CA LEU D 276 1.33 21.92 -30.24
C LEU D 276 0.29 21.89 -31.34
N LEU D 277 -0.96 21.58 -31.00
CA LEU D 277 -2.03 21.55 -31.99
C LEU D 277 -2.24 22.94 -32.59
N ALA D 278 -2.16 23.98 -31.77
CA ALA D 278 -2.31 25.34 -32.27
C ALA D 278 -1.17 25.71 -33.22
N GLY D 279 0.06 25.33 -32.87
CA GLY D 279 1.17 25.58 -33.76
C GLY D 279 1.03 24.87 -35.09
N VAL D 280 0.58 23.61 -35.05
CA VAL D 280 0.38 22.85 -36.29
C VAL D 280 -0.71 23.48 -37.13
N ALA D 281 -1.81 23.89 -36.49
CA ALA D 281 -2.90 24.54 -37.24
C ALA D 281 -2.43 25.85 -37.86
N TYR D 282 -1.63 26.63 -37.12
CA TYR D 282 -1.16 27.90 -37.66
C TYR D 282 -0.22 27.70 -38.83
N THR D 283 0.73 26.75 -38.73
CA THR D 283 1.64 26.54 -39.84
C THR D 283 0.92 25.95 -41.05
N ALA D 284 -0.10 25.12 -40.83
CA ALA D 284 -0.88 24.61 -41.95
C ALA D 284 -1.67 25.72 -42.63
N ASN D 285 -2.28 26.60 -41.84
CA ASN D 285 -3.02 27.72 -42.41
C ASN D 285 -2.08 28.68 -43.15
N LEU D 286 -0.84 28.81 -42.67
CA LEU D 286 0.11 29.68 -43.34
C LEU D 286 0.58 29.06 -44.65
N LEU D 287 0.84 27.75 -44.66
CA LEU D 287 1.24 27.08 -45.89
C LEU D 287 0.12 27.09 -46.93
N LEU D 288 -1.12 26.89 -46.48
CA LEU D 288 -2.25 26.92 -47.42
C LEU D 288 -2.54 28.33 -47.91
N SER D 289 -2.15 29.36 -47.17
CA SER D 289 -2.42 30.73 -47.59
C SER D 289 -1.48 31.14 -48.71
N GLY D 290 -1.92 32.09 -49.51
CA GLY D 290 -1.13 32.60 -50.61
C GLY D 290 -2.02 32.94 -51.80
N ALA D 291 -1.46 32.79 -52.99
CA ALA D 291 -2.21 33.08 -54.21
C ALA D 291 -3.20 31.97 -54.54
N THR D 292 -3.06 30.79 -53.92
CA THR D 292 -3.95 29.67 -54.19
C THR D 292 -5.22 29.70 -53.35
N THR D 293 -5.52 30.81 -52.67
CA THR D 293 -6.68 30.86 -51.80
C THR D 293 -7.98 30.76 -52.59
N TYR D 294 -7.95 31.10 -53.88
CA TYR D 294 -9.16 31.06 -54.70
C TYR D 294 -9.49 29.65 -55.18
N LYS D 295 -8.56 28.71 -55.06
CA LYS D 295 -8.79 27.36 -55.59
C LYS D 295 -9.62 26.52 -54.63
N LEU D 296 -9.57 26.83 -53.34
CA LEU D 296 -10.25 26.00 -52.35
C LEU D 296 -11.76 26.17 -52.42
N THR D 297 -12.48 25.07 -52.20
CA THR D 297 -13.92 25.11 -52.06
C THR D 297 -14.29 25.71 -50.70
N PRO D 298 -15.49 26.30 -50.60
CA PRO D 298 -15.90 26.86 -49.29
C PRO D 298 -15.83 25.89 -48.13
N ALA D 299 -15.95 24.58 -48.40
CA ALA D 299 -15.94 23.61 -47.31
C ALA D 299 -14.57 23.54 -46.64
N GLN D 300 -13.52 23.23 -47.42
CA GLN D 300 -12.19 23.14 -46.85
C GLN D 300 -11.69 24.52 -46.40
N TRP D 301 -12.19 25.59 -47.02
CA TRP D 301 -11.85 26.93 -46.56
C TRP D 301 -12.42 27.17 -45.16
N PHE D 302 -13.68 26.80 -44.94
CA PHE D 302 -14.26 26.90 -43.60
C PHE D 302 -13.52 26.02 -42.60
N LEU D 303 -13.10 24.83 -43.03
CA LEU D 303 -12.34 23.95 -42.13
C LEU D 303 -11.02 24.61 -41.73
N ARG D 304 -10.29 25.15 -42.71
CA ARG D 304 -9.01 25.80 -42.44
C ARG D 304 -9.19 27.01 -41.52
N GLU D 305 -10.27 27.76 -41.71
CA GLU D 305 -10.48 28.94 -40.88
C GLU D 305 -10.96 28.57 -39.49
N GLY D 306 -11.66 27.44 -39.36
CA GLY D 306 -12.19 27.06 -38.05
C GLY D 306 -11.20 26.29 -37.20
N SER D 307 -10.20 25.67 -37.82
CA SER D 307 -9.17 24.98 -37.03
C SER D 307 -8.46 25.95 -36.09
N MET D 308 -8.24 27.19 -36.54
CA MET D 308 -7.59 28.19 -35.69
C MET D 308 -8.41 28.46 -34.44
N PHE D 309 -9.72 28.67 -34.59
CA PHE D 309 -10.57 28.89 -33.43
C PHE D 309 -10.60 27.66 -32.53
N VAL D 310 -10.66 26.47 -33.13
CA VAL D 310 -10.68 25.24 -32.35
C VAL D 310 -9.43 25.13 -31.48
N ALA D 311 -8.28 25.53 -32.03
CA ALA D 311 -7.04 25.45 -31.26
C ALA D 311 -6.97 26.54 -30.18
N LEU D 312 -7.33 27.78 -30.53
CA LEU D 312 -7.17 28.88 -29.58
C LEU D 312 -8.13 28.75 -28.42
N SER D 313 -9.39 28.40 -28.68
CA SER D 313 -10.34 28.18 -27.59
C SER D 313 -9.89 27.05 -26.68
N ALA D 314 -9.34 25.97 -27.24
CA ALA D 314 -8.82 24.87 -26.41
C ALA D 314 -7.69 25.34 -25.53
N SER D 315 -6.77 26.16 -26.07
CA SER D 315 -5.68 26.67 -25.26
C SER D 315 -6.18 27.53 -24.11
N VAL D 316 -7.08 28.47 -24.39
CA VAL D 316 -7.58 29.35 -23.34
C VAL D 316 -8.35 28.57 -22.29
N PHE D 317 -9.15 27.59 -22.72
CA PHE D 317 -9.90 26.79 -21.76
C PHE D 317 -8.99 25.89 -20.93
N SER D 318 -7.88 25.42 -21.49
CA SER D 318 -6.92 24.67 -20.70
C SER D 318 -6.26 25.55 -19.65
N LEU D 319 -5.95 26.79 -20.02
CA LEU D 319 -5.44 27.75 -19.02
C LEU D 319 -6.45 27.95 -17.91
N LEU D 320 -7.73 28.12 -18.25
CA LEU D 320 -8.76 28.30 -17.25
C LEU D 320 -8.88 27.08 -16.35
N ALA D 321 -8.76 25.89 -16.93
CA ALA D 321 -8.83 24.66 -16.14
C ALA D 321 -7.66 24.57 -15.17
N ILE D 322 -6.45 24.94 -15.61
CA ILE D 322 -5.30 24.96 -14.72
C ILE D 322 -5.55 25.91 -13.55
N ALA D 323 -6.05 27.10 -13.85
CA ALA D 323 -6.31 28.06 -12.77
C ALA D 323 -7.37 27.56 -11.80
N ILE D 324 -8.43 26.93 -12.33
CA ILE D 324 -9.49 26.41 -11.47
C ILE D 324 -8.97 25.30 -10.56
N GLU D 325 -8.14 24.41 -11.12
CA GLU D 325 -7.57 23.35 -10.30
C GLU D 325 -6.66 23.91 -9.22
N ARG D 326 -5.84 24.91 -9.55
CA ARG D 326 -4.97 25.53 -8.56
C ARG D 326 -5.79 26.17 -7.44
N TYR D 327 -6.87 26.86 -7.79
CA TYR D 327 -7.69 27.49 -6.76
C TYR D 327 -8.39 26.46 -5.90
N ILE D 328 -8.85 25.35 -6.50
CA ILE D 328 -9.51 24.31 -5.73
C ILE D 328 -8.53 23.66 -4.75
N THR D 329 -7.28 23.45 -5.20
CA THR D 329 -6.28 22.87 -4.31
C THR D 329 -5.91 23.83 -3.18
N MET D 330 -5.76 25.11 -3.49
CA MET D 330 -5.34 26.08 -2.49
C MET D 330 -6.47 26.50 -1.55
N LEU D 331 -7.71 26.25 -1.88
CA LEU D 331 -8.79 26.75 -1.02
C LEU D 331 -8.83 26.24 0.38
N LYS D 332 -8.83 24.92 0.52
CA LYS D 332 -8.90 24.27 1.81
C LYS D 332 -7.57 23.60 1.96
N MET D 333 -6.86 23.81 3.06
CA MET D 333 -5.53 23.24 3.16
C MET D 333 -5.79 21.78 3.36
N LYS D 334 -5.60 21.05 2.29
CA LYS D 334 -5.91 19.64 2.25
C LYS D 334 -5.14 18.67 3.11
N LEU D 335 -3.82 18.93 3.19
CA LEU D 335 -2.75 18.16 3.88
C LEU D 335 -2.25 16.99 3.03
N HIS D 336 -2.91 16.72 1.92
CA HIS D 336 -2.51 15.65 1.01
C HIS D 336 -2.86 15.81 -0.49
N ASN D 337 -1.89 15.44 -1.33
CA ASN D 337 -1.98 15.55 -2.79
C ASN D 337 -3.05 14.76 -3.54
N GLY D 338 -3.32 13.53 -3.11
CA GLY D 338 -4.29 12.72 -3.82
C GLY D 338 -5.68 13.30 -3.85
N SER D 339 -6.31 13.21 -5.02
CA SER D 339 -7.65 13.72 -5.19
C SER D 339 -8.36 13.00 -6.33
N ASN D 340 -9.68 13.20 -6.39
CA ASN D 340 -10.53 12.54 -7.36
C ASN D 340 -10.22 12.81 -8.80
N ASN D 341 -10.38 11.77 -9.61
CA ASN D 341 -10.18 11.82 -11.05
C ASN D 341 -11.52 12.05 -11.75
N PHE D 342 -12.57 12.29 -10.97
CA PHE D 342 -13.89 12.57 -11.52
C PHE D 342 -13.95 14.02 -11.97
N ARG D 343 -13.00 14.81 -11.50
CA ARG D 343 -12.88 16.22 -11.85
C ARG D 343 -11.83 16.42 -12.93
N LEU D 344 -10.74 15.65 -12.89
CA LEU D 344 -9.70 15.76 -13.90
C LEU D 344 -10.25 15.46 -15.29
N PHE D 345 -10.91 14.32 -15.43
CA PHE D 345 -11.48 13.95 -16.73
C PHE D 345 -12.57 14.93 -17.15
N LEU D 346 -13.37 15.42 -16.19
CA LEU D 346 -14.41 16.39 -16.53
C LEU D 346 -13.80 17.66 -17.10
N LEU D 347 -12.77 18.19 -16.45
CA LEU D 347 -12.17 19.44 -16.91
C LEU D 347 -11.37 19.26 -18.19
N ILE D 348 -10.83 18.06 -18.43
CA ILE D 348 -10.14 17.82 -19.70
C ILE D 348 -11.14 17.69 -20.83
N SER D 349 -12.28 17.04 -20.59
CA SER D 349 -13.25 16.83 -21.64
C SER D 349 -14.05 18.08 -21.97
N ALA D 350 -14.36 18.91 -20.96
CA ALA D 350 -15.22 20.07 -21.21
C ALA D 350 -14.54 21.08 -22.12
N CYS D 351 -13.24 21.30 -21.94
CA CYS D 351 -12.52 22.26 -22.79
C CYS D 351 -12.57 21.82 -24.25
N TRP D 352 -12.26 20.56 -24.53
CA TRP D 352 -12.30 20.07 -25.90
C TRP D 352 -13.72 20.10 -26.47
N VAL D 353 -14.71 19.79 -25.64
CA VAL D 353 -16.10 19.81 -26.11
C VAL D 353 -16.50 21.22 -26.52
N ILE D 354 -16.22 22.21 -25.67
CA ILE D 354 -16.59 23.59 -26.01
C ILE D 354 -15.79 24.09 -27.21
N SER D 355 -14.52 23.70 -27.34
CA SER D 355 -13.76 24.13 -28.50
C SER D 355 -14.33 23.54 -29.79
N LEU D 356 -14.68 22.25 -29.77
CA LEU D 356 -15.26 21.63 -30.96
C LEU D 356 -16.61 22.25 -31.30
N ILE D 357 -17.43 22.55 -30.28
CA ILE D 357 -18.72 23.18 -30.54
C ILE D 357 -18.53 24.57 -31.13
N LEU D 358 -17.56 25.33 -30.61
CA LEU D 358 -17.31 26.67 -31.15
C LEU D 358 -16.77 26.59 -32.57
N GLY D 359 -16.01 25.55 -32.90
CA GLY D 359 -15.52 25.39 -34.24
C GLY D 359 -16.57 24.93 -35.22
N GLY D 360 -17.53 24.13 -34.76
CA GLY D 360 -18.60 23.65 -35.61
C GLY D 360 -19.83 24.51 -35.67
N LEU D 361 -19.93 25.52 -34.81
CA LEU D 361 -21.07 26.43 -34.88
C LEU D 361 -21.14 27.22 -36.18
N PRO D 362 -20.06 27.86 -36.66
CA PRO D 362 -20.21 28.66 -37.89
C PRO D 362 -20.49 27.82 -39.13
N ILE D 363 -19.94 26.60 -39.20
CA ILE D 363 -20.15 25.77 -40.38
C ILE D 363 -21.59 25.28 -40.44
N MET D 364 -22.29 25.30 -39.31
CA MET D 364 -23.65 24.76 -39.27
C MET D 364 -24.65 25.74 -39.85
N GLY D 365 -24.78 26.92 -39.24
CA GLY D 365 -25.81 27.86 -39.64
C GLY D 365 -25.33 29.26 -39.97
N TRP D 366 -24.12 29.60 -39.55
CA TRP D 366 -23.57 30.95 -39.73
C TRP D 366 -22.54 31.01 -40.86
N ASN D 367 -22.81 30.30 -41.97
CA ASN D 367 -21.85 30.25 -43.07
C ASN D 367 -21.61 31.62 -43.68
N CYS D 368 -22.61 32.51 -43.60
CA CYS D 368 -22.59 33.85 -44.20
C CYS D 368 -22.50 33.81 -45.72
N ILE D 369 -22.65 32.63 -46.33
CA ILE D 369 -22.53 32.53 -47.78
C ILE D 369 -23.77 33.11 -48.46
N SER D 370 -24.89 33.16 -47.74
CA SER D 370 -26.12 33.69 -48.33
C SER D 370 -26.08 35.21 -48.44
N ALA D 371 -25.55 35.88 -47.42
CA ALA D 371 -25.48 37.33 -47.38
C ALA D 371 -24.06 37.76 -47.70
N LEU D 372 -23.90 38.51 -48.79
CA LEU D 372 -22.56 38.96 -49.19
C LEU D 372 -22.08 40.14 -48.34
N SER D 373 -23.00 40.98 -47.89
CA SER D 373 -22.64 42.19 -47.15
C SER D 373 -22.52 41.96 -45.65
N SER D 374 -23.28 41.01 -45.10
CA SER D 374 -23.31 40.82 -43.65
C SER D 374 -22.05 40.18 -43.11
N CYS D 375 -21.12 39.77 -43.97
CA CYS D 375 -19.91 39.09 -43.51
C CYS D 375 -18.90 40.09 -42.95
N SER D 376 -17.93 39.56 -42.21
CA SER D 376 -16.89 40.39 -41.62
C SER D 376 -15.94 40.92 -42.68
N THR D 377 -15.17 41.95 -42.32
CA THR D 377 -14.28 42.57 -43.29
C THR D 377 -12.90 41.92 -43.32
N VAL D 378 -12.36 41.59 -42.15
CA VAL D 378 -11.00 41.03 -42.10
C VAL D 378 -10.99 39.62 -42.69
N LEU D 379 -12.04 38.85 -42.42
CA LEU D 379 -12.16 37.49 -42.93
C LEU D 379 -13.55 37.37 -43.53
N PRO D 380 -13.65 37.23 -44.84
CA PRO D 380 -14.98 37.07 -45.47
C PRO D 380 -15.56 35.70 -45.14
N LEU D 381 -16.81 35.51 -45.56
CA LEU D 381 -17.56 34.28 -45.33
C LEU D 381 -17.68 33.97 -43.83
N TYR D 382 -17.75 35.01 -43.01
CA TYR D 382 -17.88 34.87 -41.56
C TYR D 382 -18.85 35.91 -41.05
N HIS D 383 -19.84 35.47 -40.28
CA HIS D 383 -20.85 36.39 -39.77
C HIS D 383 -20.21 37.43 -38.86
N LYS D 384 -20.72 38.67 -38.95
CA LYS D 384 -20.15 39.76 -38.15
C LYS D 384 -20.48 39.58 -36.67
N HIS D 385 -21.67 39.05 -36.36
CA HIS D 385 -22.07 38.88 -34.97
C HIS D 385 -21.32 37.72 -34.32
N TYR D 386 -20.70 36.85 -35.13
CA TYR D 386 -19.93 35.75 -34.58
C TYR D 386 -18.71 36.26 -33.80
N ILE D 387 -18.02 37.25 -34.34
CA ILE D 387 -16.88 37.85 -33.65
C ILE D 387 -17.34 38.53 -32.37
N LEU D 388 -18.49 39.22 -32.42
CA LEU D 388 -19.01 39.89 -31.24
C LEU D 388 -19.40 38.89 -30.16
N PHE D 389 -19.86 37.71 -30.58
CA PHE D 389 -20.17 36.66 -29.61
C PHE D 389 -18.90 36.08 -29.00
N CYS D 390 -17.85 35.89 -29.82
CA CYS D 390 -16.62 35.28 -29.33
C CYS D 390 -15.88 36.22 -28.38
N THR D 391 -15.87 37.52 -28.68
CA THR D 391 -15.10 38.45 -27.84
C THR D 391 -15.69 38.53 -26.43
N THR D 392 -17.00 38.37 -26.30
CA THR D 392 -17.63 38.41 -24.99
C THR D 392 -17.16 37.25 -24.12
N VAL D 393 -17.17 36.04 -24.67
CA VAL D 393 -16.72 34.88 -23.89
C VAL D 393 -15.22 34.96 -23.61
N PHE D 394 -14.46 35.56 -24.53
CA PHE D 394 -13.04 35.75 -24.25
C PHE D 394 -12.83 36.71 -23.09
N THR D 395 -13.56 37.82 -23.07
CA THR D 395 -13.48 38.77 -21.96
C THR D 395 -13.90 38.10 -20.65
N LEU D 396 -14.95 37.27 -20.70
CA LEU D 396 -15.39 36.57 -19.50
C LEU D 396 -14.31 35.64 -18.96
N LEU D 397 -13.66 34.88 -19.85
CA LEU D 397 -12.60 33.98 -19.41
C LEU D 397 -11.42 34.77 -18.85
N LEU D 398 -11.08 35.89 -19.46
CA LEU D 398 -9.98 36.71 -18.95
C LEU D 398 -10.30 37.25 -17.56
N LEU D 399 -11.50 37.79 -17.38
CA LEU D 399 -11.90 38.28 -16.06
C LEU D 399 -11.91 37.16 -15.02
N SER D 400 -12.36 35.97 -15.40
CA SER D 400 -12.34 34.84 -14.48
C SER D 400 -10.92 34.48 -14.07
N ILE D 401 -10.00 34.42 -15.03
CA ILE D 401 -8.60 34.12 -14.72
C ILE D 401 -8.04 35.15 -13.74
N VAL D 402 -8.29 36.43 -14.02
CA VAL D 402 -7.74 37.49 -13.17
C VAL D 402 -8.29 37.41 -11.76
N ILE D 403 -9.61 37.26 -11.64
CA ILE D 403 -10.24 37.19 -10.32
C ILE D 403 -9.75 35.97 -9.55
N LEU D 404 -9.58 34.85 -10.25
CA LEU D 404 -9.16 33.62 -9.59
C LEU D 404 -7.73 33.73 -9.07
N TYR D 405 -6.84 34.29 -9.88
CA TYR D 405 -5.46 34.47 -9.40
C TYR D 405 -5.39 35.48 -8.26
N CYS D 406 -6.20 36.54 -8.32
CA CYS D 406 -6.23 37.51 -7.23
C CYS D 406 -6.70 36.86 -5.93
N ARG D 407 -7.73 36.03 -6.01
CA ARG D 407 -8.21 35.34 -4.80
C ARG D 407 -7.18 34.33 -4.30
N ILE D 408 -6.49 33.64 -5.20
CA ILE D 408 -5.46 32.70 -4.79
C ILE D 408 -4.36 33.42 -4.02
N TYR D 409 -3.93 34.59 -4.51
CA TYR D 409 -2.91 35.34 -3.80
C TYR D 409 -3.44 35.86 -2.46
N SER D 410 -4.67 36.36 -2.44
CA SER D 410 -5.22 36.95 -1.23
C SER D 410 -5.37 35.90 -0.12
N LEU D 411 -5.70 34.67 -0.50
CA LEU D 411 -5.81 33.60 0.50
C LEU D 411 -4.47 33.38 1.20
N VAL D 412 -3.41 33.12 0.44
CA VAL D 412 -2.10 32.87 1.04
C VAL D 412 -1.62 34.10 1.81
N ARG D 413 -2.01 35.30 1.35
CA ARG D 413 -1.61 36.50 2.08
C ARG D 413 -2.33 36.64 3.42
N THR D 414 -3.60 36.23 3.50
CA THR D 414 -4.36 36.42 4.72
C THR D 414 -4.21 35.26 5.70
N ARG D 415 -3.81 34.08 5.24
CA ARG D 415 -3.61 32.96 6.17
C ARG D 415 -2.31 33.14 6.95
N SER D 416 -1.20 33.38 6.23
CA SER D 416 0.10 33.49 6.90
C SER D 416 0.21 34.77 7.72
N ARG D 417 -0.70 35.71 7.50
CA ARG D 417 -0.63 36.98 8.23
C ARG D 417 -1.14 36.83 9.66
N ARG D 418 -2.22 36.07 9.85
CA ARG D 418 -2.84 35.93 11.16
C ARG D 418 -2.63 34.56 11.79
N LEU D 419 -2.59 33.49 11.01
CA LEU D 419 -2.36 32.15 11.55
C LEU D 419 -0.89 31.87 11.84
N THR D 420 -0.01 32.85 11.65
CA THR D 420 1.40 32.69 11.95
C THR D 420 1.88 33.93 12.70
N PHE D 421 1.14 34.33 13.73
CA PHE D 421 1.45 35.56 14.44
C PHE D 421 2.49 35.35 15.53
N ARG D 422 2.69 34.09 15.94
CA ARG D 422 3.61 33.82 17.05
C ARG D 422 5.04 34.18 16.69
N LYS D 423 5.51 33.72 15.53
CA LYS D 423 6.89 33.96 15.12
C LYS D 423 7.13 35.43 14.83
N SER D 432 5.14 36.25 4.27
CA SER D 432 6.55 36.48 4.51
C SER D 432 7.31 36.62 3.20
N GLU D 433 8.42 35.89 3.08
CA GLU D 433 9.22 35.95 1.86
C GLU D 433 8.57 35.18 0.72
N LYS D 434 7.79 34.13 1.05
CA LYS D 434 7.13 33.36 0.00
C LYS D 434 5.98 34.15 -0.63
N SER D 435 5.37 35.06 0.11
CA SER D 435 4.27 35.86 -0.43
C SER D 435 4.76 36.76 -1.55
N LEU D 436 5.96 37.31 -1.43
CA LEU D 436 6.49 38.17 -2.49
C LEU D 436 6.79 37.37 -3.74
N ALA D 437 7.34 36.17 -3.59
CA ALA D 437 7.58 35.32 -4.76
C ALA D 437 6.27 34.92 -5.42
N LEU D 438 5.26 34.59 -4.62
CA LEU D 438 3.94 34.28 -5.18
C LEU D 438 3.37 35.47 -5.95
N LEU D 439 3.50 36.68 -5.38
CA LEU D 439 3.00 37.87 -6.07
C LEU D 439 3.75 38.11 -7.37
N LYS D 440 5.07 37.90 -7.37
CA LYS D 440 5.86 38.08 -8.58
C LYS D 440 5.42 37.09 -9.65
N THR D 441 5.25 35.82 -9.28
CA THR D 441 4.81 34.82 -10.25
C THR D 441 3.44 35.16 -10.81
N VAL D 442 2.51 35.54 -9.94
CA VAL D 442 1.16 35.89 -10.39
C VAL D 442 1.20 37.07 -11.35
N ILE D 443 1.98 38.10 -11.00
CA ILE D 443 1.97 39.31 -11.81
C ILE D 443 2.65 39.07 -13.16
N ILE D 444 3.70 38.25 -13.20
CA ILE D 444 4.34 37.99 -14.48
C ILE D 444 3.46 37.10 -15.35
N VAL D 445 2.77 36.13 -14.75
CA VAL D 445 1.85 35.29 -15.52
C VAL D 445 0.75 36.15 -16.14
N LEU D 446 0.14 37.02 -15.33
CA LEU D 446 -0.92 37.88 -15.85
C LEU D 446 -0.42 38.89 -16.88
N SER D 447 0.77 39.47 -16.68
CA SER D 447 1.30 40.44 -17.62
C SER D 447 1.77 39.79 -18.92
N VAL D 448 2.10 38.51 -18.91
CA VAL D 448 2.44 37.82 -20.16
C VAL D 448 1.18 37.34 -20.88
N PHE D 449 0.16 36.90 -20.14
CA PHE D 449 -1.05 36.44 -20.80
C PHE D 449 -1.90 37.59 -21.33
N ILE D 450 -1.87 38.74 -20.67
CA ILE D 450 -2.73 39.86 -21.06
C ILE D 450 -2.13 40.67 -22.19
N ALA D 451 -0.81 40.93 -22.13
CA ALA D 451 -0.19 41.81 -23.12
C ALA D 451 -0.18 41.20 -24.51
N CYS D 452 -0.22 39.87 -24.61
CA CYS D 452 -0.16 39.23 -25.93
C CYS D 452 -1.51 39.30 -26.63
N TRP D 453 -2.59 39.01 -25.91
CA TRP D 453 -3.93 38.96 -26.50
C TRP D 453 -4.60 40.31 -26.57
N ALA D 454 -3.87 41.41 -26.36
CA ALA D 454 -4.47 42.74 -26.42
C ALA D 454 -4.67 43.24 -27.85
N PRO D 455 -3.66 43.19 -28.72
CA PRO D 455 -3.87 43.71 -30.09
C PRO D 455 -4.92 42.94 -30.87
N LEU D 456 -4.93 41.61 -30.77
CA LEU D 456 -5.97 40.84 -31.44
C LEU D 456 -7.35 41.18 -30.91
N PHE D 457 -7.47 41.39 -29.59
CA PHE D 457 -8.74 41.76 -28.99
C PHE D 457 -9.22 43.12 -29.51
N ILE D 458 -8.33 44.12 -29.53
CA ILE D 458 -8.76 45.43 -29.99
C ILE D 458 -9.07 45.40 -31.48
N LEU D 459 -8.37 44.58 -32.26
CA LEU D 459 -8.70 44.47 -33.69
C LEU D 459 -10.05 43.81 -33.89
N LEU D 460 -10.34 42.76 -33.13
CA LEU D 460 -11.62 42.07 -33.26
C LEU D 460 -12.78 42.96 -32.86
N LEU D 461 -12.62 43.77 -31.81
CA LEU D 461 -13.70 44.68 -31.46
C LEU D 461 -13.80 45.85 -32.44
N LEU D 462 -12.67 46.31 -32.96
CA LEU D 462 -12.68 47.42 -33.90
C LEU D 462 -13.41 47.03 -35.18
N ASP D 463 -13.08 45.87 -35.75
CA ASP D 463 -13.74 45.46 -36.98
C ASP D 463 -15.25 45.36 -36.83
N VAL D 464 -15.72 44.88 -35.68
CA VAL D 464 -17.16 44.88 -35.43
C VAL D 464 -17.68 46.31 -35.32
N GLY D 465 -16.88 47.20 -34.74
CA GLY D 465 -17.27 48.61 -34.69
C GLY D 465 -16.97 49.37 -35.97
N CYS D 466 -15.86 49.03 -36.64
CA CYS D 466 -15.40 49.82 -37.78
C CYS D 466 -16.26 49.51 -38.99
N LYS D 467 -16.60 50.54 -39.76
CA LYS D 467 -17.46 50.35 -40.93
C LYS D 467 -16.63 49.88 -42.13
N VAL D 468 -17.36 49.41 -43.16
CA VAL D 468 -16.71 48.84 -44.34
C VAL D 468 -16.15 49.95 -45.22
N LYS D 469 -15.03 49.66 -45.89
CA LYS D 469 -14.36 50.48 -46.91
C LYS D 469 -13.82 51.79 -46.35
N THR D 470 -14.09 52.11 -45.08
CA THR D 470 -13.47 53.28 -44.48
C THR D 470 -12.27 52.90 -43.62
N CYS D 471 -12.13 51.61 -43.34
CA CYS D 471 -11.25 51.15 -42.26
C CYS D 471 -10.07 50.41 -42.89
N ASP D 472 -8.88 51.00 -42.78
CA ASP D 472 -7.72 50.56 -43.55
C ASP D 472 -6.76 49.67 -42.77
N ILE D 473 -6.70 49.78 -41.44
CA ILE D 473 -5.74 48.99 -40.68
C ILE D 473 -6.10 47.51 -40.68
N LEU D 474 -7.35 47.16 -40.98
CA LEU D 474 -7.77 45.77 -40.94
C LEU D 474 -7.12 44.93 -42.03
N PHE D 475 -6.66 45.57 -43.12
CA PHE D 475 -6.03 44.81 -44.20
C PHE D 475 -4.68 44.25 -43.78
N ARG D 476 -3.98 44.94 -42.88
CA ARG D 476 -2.68 44.46 -42.40
C ARG D 476 -2.86 43.72 -41.08
N ALA D 477 -3.59 42.59 -41.18
CA ALA D 477 -3.88 41.75 -40.03
C ALA D 477 -3.01 40.51 -39.95
N GLU D 478 -2.10 40.31 -40.89
CA GLU D 478 -1.23 39.14 -40.86
C GLU D 478 -0.21 39.26 -39.73
N TYR D 479 0.22 40.49 -39.41
CA TYR D 479 1.20 40.68 -38.35
C TYR D 479 0.59 40.62 -36.96
N PHE D 480 -0.71 40.82 -36.83
CA PHE D 480 -1.37 40.78 -35.53
C PHE D 480 -1.73 39.37 -35.10
N LEU D 481 -1.38 38.35 -35.88
CA LEU D 481 -1.69 36.97 -35.54
C LEU D 481 -0.50 36.21 -34.97
N VAL D 482 0.73 36.67 -35.26
CA VAL D 482 1.92 35.98 -34.74
C VAL D 482 2.01 36.08 -33.23
N LEU D 483 1.40 37.12 -32.62
CA LEU D 483 1.44 37.25 -31.17
C LEU D 483 0.71 36.11 -30.48
N ALA D 484 -0.34 35.58 -31.11
CA ALA D 484 -1.08 34.47 -30.52
C ALA D 484 -0.20 33.23 -30.38
N VAL D 485 0.48 32.85 -31.46
CA VAL D 485 1.37 31.69 -31.38
C VAL D 485 2.60 32.00 -30.55
N LEU D 486 3.01 33.26 -30.48
CA LEU D 486 4.11 33.63 -29.60
C LEU D 486 3.74 33.39 -28.15
N ASN D 487 2.52 33.77 -27.75
CA ASN D 487 2.05 33.48 -26.40
C ASN D 487 1.90 31.98 -26.19
N SER D 488 1.39 31.27 -27.19
CA SER D 488 1.22 29.82 -27.08
C SER D 488 2.57 29.12 -26.93
N GLY D 489 3.64 29.73 -27.43
CA GLY D 489 4.96 29.14 -27.29
C GLY D 489 5.66 29.56 -26.01
N THR D 490 5.38 30.77 -25.52
CA THR D 490 6.05 31.25 -24.32
C THR D 490 5.34 30.81 -23.04
N ASN D 491 4.09 30.36 -23.13
CA ASN D 491 3.41 29.84 -21.94
C ASN D 491 4.09 28.59 -21.37
N PRO D 492 4.47 27.59 -22.17
CA PRO D 492 5.17 26.44 -21.58
C PRO D 492 6.48 26.82 -20.92
N ILE D 493 7.20 27.80 -21.47
CA ILE D 493 8.46 28.23 -20.86
C ILE D 493 8.21 28.75 -19.44
N ILE D 494 7.21 29.62 -19.29
CA ILE D 494 6.90 30.15 -17.97
C ILE D 494 6.42 29.06 -17.04
N TYR D 495 5.56 28.16 -17.54
CA TYR D 495 4.99 27.12 -16.68
C TYR D 495 6.00 26.04 -16.32
N THR D 496 7.12 25.94 -17.04
CA THR D 496 8.16 25.00 -16.68
C THR D 496 9.33 25.63 -15.94
N LEU D 497 9.50 26.94 -16.02
CA LEU D 497 10.54 27.64 -15.29
C LEU D 497 10.04 28.31 -14.01
N THR D 498 8.83 27.98 -13.57
CA THR D 498 8.28 28.54 -12.34
C THR D 498 8.50 27.65 -11.13
N ASN D 499 8.75 26.36 -11.35
CA ASN D 499 8.96 25.40 -10.26
C ASN D 499 10.35 24.79 -10.38
N LYS D 500 10.81 24.21 -9.27
CA LYS D 500 12.16 23.67 -9.18
C LYS D 500 12.23 22.19 -9.55
N GLU D 501 11.19 21.42 -9.21
CA GLU D 501 11.23 19.99 -9.51
C GLU D 501 11.16 19.73 -11.01
N MET D 502 10.31 20.47 -11.73
CA MET D 502 10.26 20.34 -13.19
C MET D 502 11.57 20.78 -13.82
N ARG D 503 12.19 21.84 -13.29
CA ARG D 503 13.47 22.30 -13.83
C ARG D 503 14.55 21.24 -13.64
N ARG D 504 14.61 20.64 -12.45
CA ARG D 504 15.61 19.59 -12.22
C ARG D 504 15.34 18.37 -13.07
N ALA D 505 14.06 18.02 -13.27
CA ALA D 505 13.74 16.88 -14.12
C ALA D 505 14.12 17.15 -15.57
N PHE D 506 13.96 18.40 -16.03
CA PHE D 506 14.34 18.74 -17.40
C PHE D 506 15.86 18.75 -17.56
N ILE D 507 16.57 19.26 -16.55
CA ILE D 507 18.03 19.29 -16.61
C ILE D 507 18.60 17.88 -16.60
N ARG D 508 18.03 17.00 -15.77
CA ARG D 508 18.52 15.62 -15.69
C ARG D 508 18.28 14.88 -17.00
N ILE D 509 17.19 15.19 -17.69
CA ILE D 509 16.88 14.55 -18.96
C ILE D 509 17.39 15.40 -20.12
N VAL E 2 -22.94 -18.85 21.02
CA VAL E 2 -23.85 -18.68 19.90
C VAL E 2 -25.26 -19.09 20.32
N GLN E 3 -26.26 -18.36 19.79
CA GLN E 3 -27.65 -18.62 20.12
C GLN E 3 -28.53 -18.01 19.05
N LEU E 4 -29.58 -18.74 18.67
CA LEU E 4 -30.55 -18.27 17.67
C LEU E 4 -31.94 -18.67 18.14
N VAL E 5 -32.75 -17.68 18.49
CA VAL E 5 -34.13 -17.91 18.93
C VAL E 5 -35.06 -17.11 18.03
N GLU E 6 -36.25 -17.64 17.79
CA GLU E 6 -37.23 -17.03 16.92
C GLU E 6 -38.57 -16.91 17.63
N SER E 7 -39.41 -16.02 17.11
CA SER E 7 -40.73 -15.77 17.68
C SER E 7 -41.63 -15.17 16.62
N GLY E 8 -42.93 -15.16 16.90
CA GLY E 8 -43.89 -14.58 15.99
C GLY E 8 -44.67 -15.59 15.18
N GLY E 9 -45.09 -16.67 15.81
CA GLY E 9 -45.86 -17.70 15.14
C GLY E 9 -47.11 -18.05 15.91
N GLY E 10 -48.16 -18.39 15.16
CA GLY E 10 -49.43 -18.74 15.76
C GLY E 10 -50.49 -19.12 14.75
N LEU E 11 -51.73 -18.71 14.99
CA LEU E 11 -52.85 -19.03 14.13
C LEU E 11 -53.32 -17.76 13.43
N VAL E 12 -53.30 -17.78 12.09
CA VAL E 12 -53.72 -16.64 11.28
C VAL E 12 -54.67 -17.13 10.20
N GLN E 13 -55.31 -16.17 9.53
CA GLN E 13 -56.30 -16.30 8.47
C GLN E 13 -55.69 -15.85 7.14
N PRO E 14 -56.01 -16.52 6.03
CA PRO E 14 -55.49 -16.07 4.72
C PRO E 14 -55.98 -14.67 4.38
N GLY E 15 -55.11 -13.89 3.75
CA GLY E 15 -55.40 -12.50 3.46
C GLY E 15 -54.50 -11.57 4.24
N GLY E 16 -54.21 -11.93 5.49
CA GLY E 16 -53.29 -11.18 6.30
C GLY E 16 -52.30 -12.12 6.97
N SER E 17 -51.16 -11.55 7.36
CA SER E 17 -50.09 -12.34 7.96
C SER E 17 -49.32 -11.47 8.94
N ARG E 18 -48.59 -12.14 9.83
CA ARG E 18 -47.76 -11.49 10.82
C ARG E 18 -46.31 -11.46 10.34
N LYS E 19 -45.42 -10.90 11.16
CA LYS E 19 -44.02 -10.75 10.83
C LYS E 19 -43.19 -11.65 11.74
N LEU E 20 -42.27 -12.41 11.15
CA LEU E 20 -41.40 -13.31 11.90
C LEU E 20 -40.06 -12.63 12.14
N SER E 21 -39.60 -12.67 13.39
CA SER E 21 -38.35 -12.04 13.79
C SER E 21 -37.50 -13.02 14.58
N CYS E 22 -36.19 -12.96 14.37
CA CYS E 22 -35.23 -13.76 15.10
C CYS E 22 -34.19 -12.85 15.74
N SER E 23 -33.68 -13.27 16.89
CA SER E 23 -32.67 -12.51 17.62
C SER E 23 -31.38 -13.31 17.71
N ALA E 24 -30.29 -12.73 17.22
CA ALA E 24 -28.98 -13.37 17.24
C ALA E 24 -28.09 -12.67 18.26
N SER E 25 -27.38 -13.47 19.05
CA SER E 25 -26.50 -12.93 20.09
C SER E 25 -25.41 -13.94 20.39
N GLY E 26 -24.17 -13.56 20.14
CA GLY E 26 -23.05 -14.43 20.43
C GLY E 26 -21.98 -14.45 19.34
N PHE E 27 -22.21 -13.70 18.28
CA PHE E 27 -21.26 -13.65 17.17
C PHE E 27 -21.43 -12.31 16.45
N ALA E 28 -20.64 -12.12 15.39
CA ALA E 28 -20.71 -10.91 14.58
C ALA E 28 -21.81 -11.10 13.53
N PHE E 29 -23.01 -10.63 13.84
CA PHE E 29 -24.14 -10.79 12.94
C PHE E 29 -24.02 -9.93 11.69
N SER E 30 -23.22 -8.87 11.73
CA SER E 30 -23.12 -7.95 10.60
C SER E 30 -22.28 -8.49 9.45
N SER E 31 -21.64 -9.65 9.62
CA SER E 31 -20.80 -10.23 8.58
C SER E 31 -21.24 -11.64 8.21
N PHE E 32 -22.49 -12.00 8.49
CA PHE E 32 -23.02 -13.33 8.22
C PHE E 32 -24.22 -13.23 7.30
N GLY E 33 -24.22 -14.03 6.24
CA GLY E 33 -25.42 -14.18 5.43
C GLY E 33 -26.44 -15.04 6.13
N MET E 34 -27.71 -14.70 5.96
CA MET E 34 -28.81 -15.35 6.66
C MET E 34 -29.78 -15.96 5.68
N HIS E 35 -30.21 -17.18 5.96
CA HIS E 35 -31.18 -17.91 5.14
C HIS E 35 -32.48 -18.06 5.91
N TRP E 36 -33.46 -18.66 5.24
CA TRP E 36 -34.71 -19.06 5.85
C TRP E 36 -35.15 -20.36 5.21
N VAL E 37 -35.25 -21.43 6.02
CA VAL E 37 -35.56 -22.76 5.51
C VAL E 37 -36.90 -23.19 6.09
N ARG E 38 -37.87 -23.43 5.23
CA ARG E 38 -39.16 -23.95 5.63
C ARG E 38 -39.05 -25.46 5.91
N GLN E 39 -40.04 -25.98 6.63
CA GLN E 39 -40.05 -27.41 6.97
C GLN E 39 -41.51 -27.84 7.14
N ALA E 40 -42.06 -28.47 6.11
CA ALA E 40 -43.43 -28.95 6.18
C ALA E 40 -43.53 -30.10 7.19
N PRO E 41 -44.69 -30.26 7.83
CA PRO E 41 -44.84 -31.34 8.82
C PRO E 41 -44.79 -32.71 8.15
N GLU E 42 -43.87 -33.55 8.63
CA GLU E 42 -43.70 -34.92 8.14
C GLU E 42 -43.42 -34.94 6.64
N LYS E 43 -42.64 -33.97 6.18
CA LYS E 43 -42.27 -33.86 4.77
C LYS E 43 -40.82 -33.38 4.69
N GLY E 44 -40.41 -32.99 3.49
CA GLY E 44 -39.08 -32.46 3.29
C GLY E 44 -39.01 -30.95 3.47
N LEU E 45 -37.82 -30.48 3.81
CA LEU E 45 -37.58 -29.07 4.04
C LEU E 45 -37.01 -28.41 2.78
N GLU E 46 -37.40 -27.16 2.56
CA GLU E 46 -37.05 -26.44 1.33
C GLU E 46 -36.60 -25.03 1.67
N TRP E 47 -35.80 -24.46 0.77
CA TRP E 47 -35.26 -23.12 0.94
C TRP E 47 -36.31 -22.07 0.57
N VAL E 48 -36.22 -20.91 1.20
CA VAL E 48 -37.21 -19.86 1.02
C VAL E 48 -36.57 -18.56 0.53
N ALA E 49 -35.64 -18.00 1.32
CA ALA E 49 -35.05 -16.71 0.99
C ALA E 49 -33.58 -16.72 1.34
N TYR E 50 -32.92 -15.59 1.09
CA TYR E 50 -31.50 -15.43 1.37
C TYR E 50 -31.15 -13.95 1.31
N ILE E 51 -30.27 -13.52 2.22
CA ILE E 51 -29.76 -12.15 2.24
C ILE E 51 -28.26 -12.21 2.42
N SER E 52 -27.53 -11.48 1.58
CA SER E 52 -26.08 -11.40 1.72
C SER E 52 -25.70 -10.41 2.81
N SER E 53 -24.39 -10.31 3.05
CA SER E 53 -23.90 -9.37 4.04
C SER E 53 -24.12 -7.93 3.58
N GLY E 54 -24.80 -7.14 4.40
CA GLY E 54 -25.09 -5.78 4.04
C GLY E 54 -26.27 -5.59 3.11
N SER E 55 -27.14 -6.59 3.00
CA SER E 55 -28.33 -6.53 2.14
C SER E 55 -27.97 -6.26 0.68
N GLY E 56 -26.86 -6.83 0.22
CA GLY E 56 -26.43 -6.63 -1.15
C GLY E 56 -27.27 -7.39 -2.16
N THR E 57 -27.32 -8.72 -2.02
CA THR E 57 -28.07 -9.58 -2.92
C THR E 57 -29.14 -10.33 -2.15
N ILE E 58 -30.34 -10.38 -2.70
CA ILE E 58 -31.47 -11.07 -2.08
C ILE E 58 -32.09 -11.99 -3.12
N TYR E 59 -32.16 -13.28 -2.79
CA TYR E 59 -32.75 -14.28 -3.67
C TYR E 59 -33.97 -14.90 -2.99
N TYR E 60 -35.00 -15.17 -3.78
CA TYR E 60 -36.24 -15.74 -3.29
C TYR E 60 -36.54 -17.06 -3.97
N ALA E 61 -37.46 -17.82 -3.38
CA ALA E 61 -37.90 -19.06 -3.99
C ALA E 61 -38.82 -18.79 -5.17
N ASP E 62 -38.89 -19.76 -6.09
CA ASP E 62 -39.70 -19.58 -7.28
C ASP E 62 -41.20 -19.64 -6.99
N THR E 63 -41.59 -20.16 -5.83
CA THR E 63 -43.00 -20.25 -5.48
C THR E 63 -43.53 -19.00 -4.79
N VAL E 64 -42.70 -18.32 -4.00
CA VAL E 64 -43.12 -17.15 -3.25
C VAL E 64 -42.38 -15.89 -3.71
N LYS E 65 -41.86 -15.88 -4.94
CA LYS E 65 -41.13 -14.73 -5.44
C LYS E 65 -42.06 -13.51 -5.54
N GLY E 66 -41.60 -12.39 -4.98
CA GLY E 66 -42.37 -11.17 -4.99
C GLY E 66 -43.54 -11.13 -4.02
N ARG E 67 -43.73 -12.17 -3.22
CA ARG E 67 -44.81 -12.21 -2.24
C ARG E 67 -44.35 -11.97 -0.81
N PHE E 68 -43.12 -12.33 -0.49
CA PHE E 68 -42.54 -12.11 0.83
C PHE E 68 -41.52 -10.98 0.76
N THR E 69 -41.41 -10.23 1.85
CA THR E 69 -40.41 -9.18 1.99
C THR E 69 -39.52 -9.50 3.18
N ILE E 70 -38.21 -9.33 2.99
CA ILE E 70 -37.22 -9.70 3.99
C ILE E 70 -36.18 -8.60 4.09
N SER E 71 -35.61 -8.44 5.28
CA SER E 71 -34.64 -7.37 5.54
C SER E 71 -33.90 -7.68 6.83
N ARG E 72 -32.74 -7.05 6.97
CA ARG E 72 -31.88 -7.22 8.14
C ARG E 72 -31.92 -5.97 9.02
N ASP E 73 -31.27 -6.07 10.17
CA ASP E 73 -31.11 -4.93 11.08
C ASP E 73 -29.85 -5.17 11.88
N ASP E 74 -28.76 -4.53 11.48
CA ASP E 74 -27.45 -4.71 12.11
C ASP E 74 -27.33 -4.03 13.47
N PRO E 75 -27.77 -2.78 13.64
CA PRO E 75 -27.59 -2.12 14.95
C PRO E 75 -28.31 -2.83 16.09
N LYS E 76 -29.41 -3.52 15.81
CA LYS E 76 -30.16 -4.23 16.84
C LYS E 76 -30.03 -5.75 16.75
N ASN E 77 -29.37 -6.27 15.72
CA ASN E 77 -29.14 -7.71 15.56
C ASN E 77 -30.46 -8.49 15.55
N THR E 78 -31.29 -8.20 14.55
CA THR E 78 -32.57 -8.86 14.39
C THR E 78 -32.91 -8.98 12.91
N LEU E 79 -33.40 -10.16 12.51
CA LEU E 79 -33.76 -10.44 11.13
C LEU E 79 -35.27 -10.62 11.04
N PHE E 80 -35.90 -9.85 10.16
CA PHE E 80 -37.35 -9.85 10.01
C PHE E 80 -37.77 -10.51 8.71
N LEU E 81 -38.93 -11.16 8.74
CA LEU E 81 -39.58 -11.69 7.55
C LEU E 81 -41.06 -11.36 7.62
N GLN E 82 -41.56 -10.69 6.58
CA GLN E 82 -42.96 -10.28 6.53
C GLN E 82 -43.59 -10.83 5.25
N MET E 83 -44.79 -11.36 5.37
CA MET E 83 -45.54 -11.93 4.25
C MET E 83 -46.68 -11.00 3.88
N THR E 84 -46.81 -10.69 2.60
CA THR E 84 -47.89 -9.83 2.12
C THR E 84 -49.17 -10.63 1.87
N SER E 85 -49.09 -11.64 1.00
CA SER E 85 -50.21 -12.52 0.71
C SER E 85 -49.93 -13.90 1.27
N LEU E 86 -50.95 -14.52 1.86
CA LEU E 86 -50.81 -15.80 2.52
C LEU E 86 -51.79 -16.81 1.93
N ARG E 87 -51.34 -18.05 1.82
CA ARG E 87 -52.14 -19.15 1.31
C ARG E 87 -52.24 -20.24 2.37
N SER E 88 -52.83 -21.37 1.99
CA SER E 88 -53.03 -22.50 2.90
C SER E 88 -51.90 -23.53 2.84
N GLU E 89 -50.78 -23.20 2.21
CA GLU E 89 -49.67 -24.13 2.07
C GLU E 89 -48.51 -23.81 3.01
N ASP E 90 -48.37 -22.55 3.44
CA ASP E 90 -47.25 -22.13 4.26
C ASP E 90 -47.30 -22.65 5.70
N THR E 91 -48.24 -23.54 6.02
CA THR E 91 -48.31 -24.13 7.36
C THR E 91 -47.13 -25.09 7.51
N ALA E 92 -46.08 -24.63 8.16
CA ALA E 92 -44.85 -25.42 8.28
C ALA E 92 -43.97 -24.80 9.37
N MET E 93 -42.84 -25.44 9.62
CA MET E 93 -41.84 -24.94 10.55
C MET E 93 -40.80 -24.13 9.79
N TYR E 94 -40.32 -23.06 10.41
CA TYR E 94 -39.39 -22.14 9.78
C TYR E 94 -38.10 -22.08 10.58
N TYR E 95 -36.97 -22.24 9.88
CA TYR E 95 -35.65 -22.16 10.49
C TYR E 95 -34.83 -21.09 9.80
N CYS E 96 -34.20 -20.22 10.59
CA CYS E 96 -33.31 -19.19 10.08
C CYS E 96 -31.88 -19.63 10.40
N VAL E 97 -31.05 -19.73 9.38
CA VAL E 97 -29.72 -20.31 9.50
C VAL E 97 -28.69 -19.34 8.94
N ARG E 98 -27.57 -19.21 9.65
CA ARG E 98 -26.49 -18.30 9.26
C ARG E 98 -25.49 -19.03 8.38
N SER E 99 -24.79 -18.26 7.53
CA SER E 99 -23.79 -18.83 6.64
C SER E 99 -22.87 -17.73 6.17
N ILE E 100 -21.55 -17.98 6.23
CA ILE E 100 -20.54 -17.04 5.78
C ILE E 100 -19.75 -17.69 4.66
N TYR E 101 -19.51 -16.94 3.58
CA TYR E 101 -18.90 -17.48 2.37
C TYR E 101 -17.52 -16.86 2.17
N TYR E 102 -16.48 -17.67 2.36
CA TYR E 102 -15.13 -17.32 1.97
C TYR E 102 -14.35 -18.62 1.79
N TYR E 103 -13.11 -18.51 1.33
CA TYR E 103 -12.31 -19.69 1.03
C TYR E 103 -12.05 -20.51 2.28
N GLY E 104 -12.66 -21.69 2.37
CA GLY E 104 -12.47 -22.58 3.51
C GLY E 104 -13.54 -22.50 4.59
N SER E 105 -14.65 -21.84 4.34
CA SER E 105 -15.70 -21.69 5.34
C SER E 105 -16.69 -22.85 5.27
N SER E 106 -17.58 -22.90 6.25
CA SER E 106 -18.60 -23.95 6.35
C SER E 106 -19.98 -23.31 6.38
N PRO E 107 -20.72 -23.34 5.28
CA PRO E 107 -22.05 -22.70 5.27
C PRO E 107 -23.07 -23.44 6.10
N PHE E 108 -24.00 -22.67 6.65
CA PHE E 108 -25.09 -23.13 7.52
C PHE E 108 -24.63 -24.22 8.49
N ASP E 109 -23.70 -23.84 9.37
CA ASP E 109 -23.21 -24.74 10.41
C ASP E 109 -24.08 -24.72 11.66
N PHE E 110 -24.64 -23.56 12.01
CA PHE E 110 -25.48 -23.42 13.20
C PHE E 110 -26.90 -23.08 12.75
N TRP E 111 -27.83 -24.01 12.95
CA TRP E 111 -29.18 -23.83 12.45
C TRP E 111 -30.04 -23.00 13.39
N GLY E 112 -30.29 -23.49 14.59
CA GLY E 112 -31.13 -22.77 15.52
C GLY E 112 -32.24 -23.61 16.14
N GLN E 113 -33.38 -22.98 16.43
CA GLN E 113 -34.50 -23.67 17.06
C GLN E 113 -35.71 -23.78 16.13
N GLY E 114 -36.20 -22.66 15.63
CA GLY E 114 -37.32 -22.70 14.72
C GLY E 114 -38.64 -22.35 15.40
N THR E 115 -39.59 -21.85 14.61
CA THR E 115 -40.90 -21.47 15.09
C THR E 115 -41.97 -22.08 14.18
N THR E 116 -43.16 -22.28 14.76
CA THR E 116 -44.27 -22.89 14.06
C THR E 116 -45.22 -21.83 13.52
N LEU E 117 -46.07 -22.24 12.58
CA LEU E 117 -47.06 -21.35 11.98
C LEU E 117 -48.18 -22.20 11.41
N THR E 118 -49.41 -21.94 11.86
CA THR E 118 -50.58 -22.68 11.41
C THR E 118 -51.60 -21.72 10.82
N VAL E 119 -52.13 -22.05 9.65
CA VAL E 119 -53.13 -21.25 8.97
C VAL E 119 -54.40 -22.08 8.85
N SER E 120 -55.52 -21.52 9.30
CA SER E 120 -56.79 -22.22 9.25
C SER E 120 -57.42 -22.10 7.87
N SER E 121 -57.74 -23.24 7.27
CA SER E 121 -58.34 -23.26 5.94
C SER E 121 -59.58 -24.16 5.92
N SER E 136 -34.79 -27.25 -15.93
CA SER E 136 -34.57 -25.91 -15.37
C SER E 136 -33.90 -26.00 -14.00
N ASP E 137 -34.71 -26.30 -12.98
CA ASP E 137 -34.19 -26.42 -11.62
C ASP E 137 -33.66 -27.82 -11.37
N ILE E 138 -32.56 -27.90 -10.60
CA ILE E 138 -31.96 -29.18 -10.29
C ILE E 138 -32.87 -29.96 -9.36
N VAL E 139 -33.04 -31.25 -9.63
CA VAL E 139 -33.89 -32.13 -8.84
C VAL E 139 -33.00 -33.13 -8.13
N MET E 140 -33.11 -33.18 -6.80
CA MET E 140 -32.35 -34.10 -5.96
C MET E 140 -33.30 -35.16 -5.42
N THR E 141 -33.03 -36.41 -5.74
CA THR E 141 -33.85 -37.53 -5.31
C THR E 141 -33.06 -38.46 -4.41
N GLN E 142 -33.75 -39.09 -3.47
CA GLN E 142 -33.14 -40.03 -2.53
C GLN E 142 -33.31 -41.45 -3.02
N ALA E 143 -32.44 -42.33 -2.52
CA ALA E 143 -32.48 -43.73 -2.94
C ALA E 143 -33.65 -44.47 -2.31
N THR E 144 -33.88 -44.25 -1.02
CA THR E 144 -34.95 -44.94 -0.30
C THR E 144 -35.59 -43.96 0.67
N SER E 145 -36.46 -44.48 1.55
CA SER E 145 -37.15 -43.67 2.54
C SER E 145 -36.82 -44.08 3.96
N SER E 146 -36.83 -45.38 4.25
CA SER E 146 -36.54 -45.85 5.60
C SER E 146 -36.03 -47.30 5.52
N VAL E 147 -34.90 -47.56 6.15
CA VAL E 147 -34.30 -48.90 6.15
C VAL E 147 -34.04 -49.32 7.59
N PRO E 148 -34.20 -50.60 7.93
CA PRO E 148 -33.88 -51.05 9.28
C PRO E 148 -32.39 -51.34 9.43
N VAL E 149 -31.84 -50.94 10.57
CA VAL E 149 -30.42 -51.10 10.85
C VAL E 149 -30.24 -51.47 12.31
N THR E 150 -29.17 -52.25 12.60
CA THR E 150 -28.76 -52.69 13.91
C THR E 150 -27.52 -51.91 14.37
N PRO E 151 -27.39 -51.66 15.66
CA PRO E 151 -26.21 -50.94 16.16
C PRO E 151 -24.94 -51.73 15.88
N GLY E 152 -23.88 -51.00 15.51
CA GLY E 152 -22.62 -51.62 15.19
C GLY E 152 -22.55 -52.20 13.79
N GLU E 153 -22.97 -51.44 12.78
CA GLU E 153 -22.96 -51.89 11.40
C GLU E 153 -22.76 -50.70 10.48
N SER E 154 -21.99 -50.91 9.41
CA SER E 154 -21.75 -49.85 8.44
C SER E 154 -22.95 -49.67 7.52
N VAL E 155 -23.32 -48.41 7.29
CA VAL E 155 -24.46 -48.07 6.46
C VAL E 155 -23.99 -47.18 5.31
N SER E 156 -24.61 -47.36 4.15
CA SER E 156 -24.30 -46.58 2.96
C SER E 156 -25.58 -45.90 2.48
N ILE E 157 -25.56 -44.56 2.46
CA ILE E 157 -26.68 -43.76 2.02
C ILE E 157 -26.26 -43.05 0.73
N SER E 158 -27.10 -43.17 -0.30
CA SER E 158 -26.81 -42.63 -1.62
C SER E 158 -27.83 -41.56 -1.99
N CYS E 159 -27.34 -40.45 -2.54
CA CYS E 159 -28.18 -39.35 -3.01
C CYS E 159 -27.80 -39.04 -4.44
N ARG E 160 -28.77 -39.13 -5.35
CA ARG E 160 -28.54 -38.95 -6.78
C ARG E 160 -28.99 -37.57 -7.22
N SER E 161 -28.24 -36.98 -8.15
CA SER E 161 -28.55 -35.67 -8.70
C SER E 161 -28.85 -35.79 -10.19
N SER E 162 -29.38 -34.70 -10.75
CA SER E 162 -29.73 -34.66 -12.16
C SER E 162 -28.70 -33.91 -13.00
N LYS E 163 -27.62 -33.42 -12.39
CA LYS E 163 -26.59 -32.69 -13.11
C LYS E 163 -25.26 -32.86 -12.39
N SER E 164 -24.18 -32.85 -13.16
CA SER E 164 -22.84 -32.99 -12.60
C SER E 164 -22.51 -31.76 -11.75
N LEU E 165 -22.48 -31.95 -10.43
CA LEU E 165 -22.22 -30.85 -9.51
C LEU E 165 -20.77 -30.39 -9.52
N LEU E 166 -19.87 -31.16 -10.12
CA LEU E 166 -18.48 -30.76 -10.19
C LEU E 166 -18.32 -29.52 -11.05
N HIS E 167 -17.89 -28.42 -10.44
CA HIS E 167 -17.72 -27.16 -11.13
C HIS E 167 -16.32 -27.07 -11.74
N SER E 168 -16.09 -26.01 -12.51
CA SER E 168 -14.80 -25.79 -13.14
C SER E 168 -13.69 -25.54 -12.12
N ASN E 169 -14.04 -25.13 -10.90
CA ASN E 169 -13.04 -24.92 -9.86
C ASN E 169 -12.37 -26.24 -9.48
N GLY E 170 -13.16 -27.30 -9.34
CA GLY E 170 -12.62 -28.61 -9.02
C GLY E 170 -13.30 -29.27 -7.84
N ASN E 171 -14.18 -28.55 -7.17
CA ASN E 171 -14.88 -29.05 -5.99
C ASN E 171 -16.39 -29.12 -6.24
N THR E 172 -17.02 -30.12 -5.65
CA THR E 172 -18.47 -30.28 -5.76
C THR E 172 -19.16 -29.34 -4.77
N TYR E 173 -20.50 -29.33 -4.81
CA TYR E 173 -21.29 -28.46 -3.96
C TYR E 173 -22.49 -29.21 -3.40
N LEU E 174 -22.27 -30.42 -2.91
CA LEU E 174 -23.31 -31.23 -2.29
C LEU E 174 -23.11 -31.22 -0.79
N TYR E 175 -24.03 -30.57 -0.08
CA TYR E 175 -23.98 -30.49 1.38
C TYR E 175 -24.82 -31.60 1.99
N TRP E 176 -24.44 -31.99 3.21
CA TRP E 176 -25.08 -33.09 3.91
C TRP E 176 -25.20 -32.76 5.40
N PHE E 177 -26.33 -33.11 5.99
CA PHE E 177 -26.52 -32.91 7.42
C PHE E 177 -27.53 -33.91 7.95
N LEU E 178 -27.58 -34.03 9.27
CA LEU E 178 -28.43 -34.99 9.97
C LEU E 178 -29.51 -34.25 10.72
N GLN E 179 -30.76 -34.68 10.55
CA GLN E 179 -31.90 -34.10 11.25
C GLN E 179 -32.21 -34.94 12.48
N ARG E 180 -32.05 -34.35 13.66
CA ARG E 180 -32.32 -35.06 14.90
C ARG E 180 -33.82 -34.99 15.22
N PRO E 181 -34.39 -36.04 15.80
CA PRO E 181 -35.82 -36.03 16.12
C PRO E 181 -36.15 -35.09 17.27
N GLY E 182 -36.83 -33.99 16.96
CA GLY E 182 -37.27 -33.04 17.95
C GLY E 182 -36.55 -31.71 17.93
N GLN E 183 -35.42 -31.60 17.24
CA GLN E 183 -34.65 -30.36 17.21
C GLN E 183 -34.18 -30.11 15.78
N SER E 184 -33.47 -29.00 15.60
CA SER E 184 -33.01 -28.61 14.28
C SER E 184 -31.81 -29.47 13.84
N PRO E 185 -31.60 -29.61 12.53
CA PRO E 185 -30.48 -30.44 12.06
C PRO E 185 -29.14 -29.75 12.30
N GLN E 186 -28.07 -30.53 12.08
CA GLN E 186 -26.71 -30.05 12.25
C GLN E 186 -25.85 -30.58 11.12
N LEU E 187 -24.95 -29.71 10.64
CA LEU E 187 -24.13 -30.06 9.49
C LEU E 187 -23.14 -31.17 9.81
N LEU E 188 -22.88 -32.04 8.83
CA LEU E 188 -21.92 -33.12 8.97
C LEU E 188 -20.72 -32.95 8.06
N ILE E 189 -20.94 -32.83 6.75
CA ILE E 189 -19.89 -32.59 5.77
C ILE E 189 -20.42 -31.55 4.79
N TYR E 190 -19.62 -30.51 4.52
CA TYR E 190 -20.17 -29.36 3.80
C TYR E 190 -19.99 -29.50 2.28
N ARG E 191 -18.75 -29.56 1.80
CA ARG E 191 -18.53 -29.40 0.37
C ARG E 191 -18.54 -30.73 -0.38
N MET E 192 -17.57 -31.61 -0.14
CA MET E 192 -17.64 -32.95 -0.72
C MET E 192 -17.58 -34.03 0.35
N SER E 193 -16.51 -34.00 1.14
CA SER E 193 -16.29 -34.96 2.21
C SER E 193 -15.72 -34.33 3.47
N ASN E 194 -15.36 -33.06 3.44
CA ASN E 194 -14.70 -32.42 4.58
C ASN E 194 -15.60 -32.46 5.81
N LEU E 195 -15.10 -33.08 6.88
CA LEU E 195 -15.89 -33.23 8.09
C LEU E 195 -16.04 -31.90 8.81
N ALA E 196 -17.23 -31.67 9.36
CA ALA E 196 -17.49 -30.45 10.10
C ALA E 196 -16.80 -30.50 11.47
N SER E 197 -16.91 -29.40 12.20
CA SER E 197 -16.29 -29.28 13.52
C SER E 197 -17.29 -29.72 14.59
N GLY E 198 -16.84 -30.59 15.48
CA GLY E 198 -17.65 -31.07 16.58
C GLY E 198 -18.23 -32.46 16.38
N VAL E 199 -18.41 -32.90 15.14
CA VAL E 199 -18.96 -34.22 14.86
C VAL E 199 -17.83 -35.24 14.84
N PRO E 200 -18.08 -36.49 15.22
CA PRO E 200 -17.00 -37.50 15.24
C PRO E 200 -16.57 -37.86 13.84
N ASP E 201 -15.45 -38.58 13.77
CA ASP E 201 -14.87 -39.00 12.50
C ASP E 201 -15.49 -40.27 11.94
N ARG E 202 -16.65 -40.69 12.44
CA ARG E 202 -17.29 -41.90 11.93
C ARG E 202 -17.99 -41.65 10.60
N PHE E 203 -18.43 -40.43 10.35
CA PHE E 203 -19.12 -40.11 9.11
C PHE E 203 -18.11 -39.79 8.00
N SER E 204 -18.43 -40.26 6.79
CA SER E 204 -17.58 -40.02 5.63
C SER E 204 -18.43 -40.12 4.37
N GLY E 205 -18.01 -39.42 3.33
CA GLY E 205 -18.74 -39.39 2.09
C GLY E 205 -17.81 -39.37 0.89
N SER E 206 -18.38 -39.74 -0.26
CA SER E 206 -17.64 -39.77 -1.51
C SER E 206 -18.64 -39.72 -2.66
N GLY E 207 -18.11 -39.60 -3.87
CA GLY E 207 -18.96 -39.54 -5.05
C GLY E 207 -18.13 -39.37 -6.30
N SER E 208 -18.82 -39.14 -7.41
CA SER E 208 -18.17 -38.98 -8.71
C SER E 208 -18.61 -37.69 -9.39
N GLY E 209 -19.81 -37.22 -9.07
CA GLY E 209 -20.34 -36.02 -9.69
C GLY E 209 -21.82 -36.11 -10.00
N THR E 210 -22.30 -37.34 -10.21
CA THR E 210 -23.72 -37.59 -10.45
C THR E 210 -24.33 -38.46 -9.38
N ALA E 211 -23.66 -39.54 -8.98
CA ALA E 211 -24.12 -40.43 -7.92
C ALA E 211 -23.22 -40.22 -6.71
N PHE E 212 -23.81 -39.72 -5.62
CA PHE E 212 -23.09 -39.44 -4.39
C PHE E 212 -23.51 -40.43 -3.31
N THR E 213 -22.57 -40.73 -2.41
CA THR E 213 -22.80 -41.70 -1.36
C THR E 213 -22.17 -41.22 -0.06
N LEU E 214 -22.65 -41.78 1.05
CA LEU E 214 -22.15 -41.47 2.38
C LEU E 214 -22.08 -42.76 3.18
N THR E 215 -20.97 -42.95 3.89
CA THR E 215 -20.74 -44.16 4.68
C THR E 215 -20.51 -43.80 6.14
N ILE E 216 -20.90 -44.71 7.02
CA ILE E 216 -20.72 -44.55 8.46
C ILE E 216 -19.97 -45.77 8.97
N SER E 217 -18.93 -45.53 9.78
CA SER E 217 -18.11 -46.62 10.28
C SER E 217 -18.82 -47.37 11.41
N ARG E 218 -19.14 -46.67 12.50
CA ARG E 218 -19.81 -47.26 13.65
C ARG E 218 -21.10 -46.50 13.89
N LEU E 219 -22.19 -47.25 14.10
CA LEU E 219 -23.51 -46.68 14.34
C LEU E 219 -23.89 -46.89 15.80
N GLU E 220 -24.15 -45.81 16.51
CA GLU E 220 -24.54 -45.83 17.91
C GLU E 220 -26.03 -45.54 18.04
N ALA E 221 -26.49 -45.44 19.28
CA ALA E 221 -27.89 -45.13 19.56
C ALA E 221 -28.17 -43.64 19.62
N GLU E 222 -27.14 -42.79 19.56
CA GLU E 222 -27.33 -41.35 19.66
C GLU E 222 -27.55 -40.68 18.31
N ASP E 223 -27.16 -41.32 17.21
CA ASP E 223 -27.28 -40.74 15.87
C ASP E 223 -28.37 -41.49 15.10
N VAL E 224 -29.61 -41.06 15.28
CA VAL E 224 -30.76 -41.58 14.54
C VAL E 224 -31.59 -40.40 14.07
N GLY E 225 -32.25 -40.56 12.93
CA GLY E 225 -33.09 -39.50 12.39
C GLY E 225 -33.29 -39.59 10.90
N VAL E 226 -33.38 -38.43 10.24
CA VAL E 226 -33.58 -38.35 8.80
C VAL E 226 -32.38 -37.63 8.19
N TYR E 227 -31.81 -38.23 7.15
CA TYR E 227 -30.66 -37.67 6.45
C TYR E 227 -31.12 -36.89 5.22
N TYR E 228 -30.41 -35.82 4.91
CA TYR E 228 -30.76 -34.95 3.79
C TYR E 228 -29.50 -34.60 3.00
N CYS E 229 -29.67 -34.43 1.69
CA CYS E 229 -28.61 -33.98 0.80
C CYS E 229 -29.08 -32.70 0.10
N MET E 230 -28.19 -31.70 0.05
CA MET E 230 -28.53 -30.40 -0.49
C MET E 230 -27.68 -30.09 -1.71
N GLN E 231 -28.23 -29.30 -2.62
CA GLN E 231 -27.56 -28.87 -3.84
C GLN E 231 -27.35 -27.36 -3.78
N HIS E 232 -26.10 -26.92 -3.87
CA HIS E 232 -25.76 -25.51 -3.79
C HIS E 232 -24.98 -25.03 -5.02
N LEU E 233 -25.13 -25.71 -6.15
CA LEU E 233 -24.45 -25.26 -7.37
C LEU E 233 -25.15 -24.06 -7.99
N GLU E 234 -26.46 -23.96 -7.82
CA GLU E 234 -27.24 -22.83 -8.30
C GLU E 234 -28.04 -22.24 -7.14
N TYR E 235 -28.30 -20.94 -7.23
CA TYR E 235 -28.96 -20.25 -6.13
C TYR E 235 -30.38 -20.72 -5.83
N PRO E 236 -31.16 -21.24 -6.79
CA PRO E 236 -32.41 -21.91 -6.40
C PRO E 236 -32.14 -23.24 -5.72
N LEU E 237 -31.80 -23.18 -4.43
CA LEU E 237 -31.42 -24.36 -3.67
C LEU E 237 -32.58 -25.36 -3.62
N THR E 238 -32.23 -26.62 -3.41
CA THR E 238 -33.22 -27.68 -3.29
C THR E 238 -32.64 -28.81 -2.45
N PHE E 239 -33.50 -29.50 -1.72
CA PHE E 239 -33.11 -30.59 -0.84
C PHE E 239 -33.65 -31.91 -1.37
N GLY E 240 -33.35 -32.99 -0.64
CA GLY E 240 -33.82 -34.30 -1.00
C GLY E 240 -35.11 -34.67 -0.29
N ALA E 241 -35.64 -35.84 -0.67
CA ALA E 241 -36.87 -36.32 -0.05
C ALA E 241 -36.65 -36.68 1.41
N GLY E 242 -35.44 -37.08 1.78
CA GLY E 242 -35.14 -37.41 3.17
C GLY E 242 -35.30 -38.88 3.48
N THR E 243 -34.20 -39.55 3.80
CA THR E 243 -34.21 -40.95 4.18
C THR E 243 -34.13 -41.07 5.70
N LYS E 244 -34.96 -41.93 6.27
CA LYS E 244 -35.05 -42.10 7.71
C LYS E 244 -34.26 -43.32 8.15
N LEU E 245 -33.55 -43.19 9.27
CA LEU E 245 -32.79 -44.29 9.86
C LEU E 245 -33.60 -44.87 11.02
N GLU E 246 -33.98 -46.14 10.88
CA GLU E 246 -34.80 -46.81 11.88
C GLU E 246 -33.92 -47.73 12.71
N LEU E 247 -34.03 -47.61 14.03
CA LEU E 247 -33.26 -48.43 14.95
C LEU E 247 -33.90 -49.81 15.11
C02 JEX F . -10.29 36.12 -29.77
C03 JEX F . -9.90 35.18 -30.87
C05 JEX F . -9.12 34.00 -33.02
C06 JEX F . -9.48 33.17 -31.96
C07 JEX F . -9.88 33.81 -30.78
C08 JEX F . -10.25 33.20 -29.60
C09 JEX F . -9.50 32.21 -29.01
C10 JEX F . -9.90 31.60 -27.84
C11 JEX F . -11.06 32.00 -27.23
C12 JEX F . -11.82 32.98 -27.81
C13 JEX F . -11.42 33.58 -28.99
C14 JEX F . -8.77 33.71 -34.33
C17 JEX F . -8.22 34.02 -36.38
C19 JEX F . -7.81 34.65 -37.53
C20 JEX F . -7.80 36.02 -37.57
C21 JEX F . -7.39 36.67 -38.72
C22 JEX F . -7.01 35.93 -39.83
C23 JEX F . -7.02 34.55 -39.82
C24 JEX F . -7.44 33.91 -38.65
C25 JEX F . -6.59 33.74 -41.07
F01 JEX F . -9.89 37.39 -30.02
F26 JEX F . -7.29 34.11 -42.19
F27 JEX F . -6.83 32.42 -40.89
F28 JEX F . -5.27 33.92 -41.35
F29 JEX F . -9.73 35.62 -28.64
F30 JEX F . -11.64 36.15 -29.66
N16 JEX F . -8.47 32.75 -36.25
N18 JEX F . -8.42 34.62 -35.22
O15 JEX F . -8.86 32.53 -34.95
S04 JEX F . -9.39 35.59 -32.44
#